data_8UOK
#
_entry.id   8UOK
#
_cell.length_a   120.970
_cell.length_b   106.190
_cell.length_c   84.380
_cell.angle_alpha   90.00
_cell.angle_beta   132.38
_cell.angle_gamma   90.00
#
_symmetry.space_group_name_H-M   'C 1 2 1'
#
loop_
_entity.id
_entity.type
_entity.pdbx_description
1 polymer 'MAP/microtubule affinity-regulating kinase 3'
2 non-polymer (6P)-6-[(4R)-imidazo[1,2-a]pyridin-3-yl]-4-(piperidin-4-yl)-2H-pyrido[3,2-b][1,4]oxazin-3(4H)-one
3 non-polymer 1,2-ETHANEDIOL
4 water water
#
_entity_poly.entity_id   1
_entity_poly.type   'polypeptide(L)'
_entity_poly.pdbx_seq_one_letter_code
;GAMGSDEQPHIGNYRLLKTLGKGNFAKVKRARHILTGREVAIKIIDKTQLNPTSLQKLFREVRIMKILNHPNIIKLFEVI
ETEKTLYLIMEYASKGEVYDYLVEHGRMKEKEARSKFRQIVSAVQYCHQKRIVHRDLKAENLLLDADMNIKIADFGFSNE
FTKGGKLDTFCGSPPYAAPELFQGKKYDGPEVDVWSLGVILYTLVSGSLPFDGQNLKELRERVLRGKYRIPFYMSTDCEN
LLKRFLVLNPIKRGTLEQIMKDRWINAGHEEDELKPFVEPELDISDQKRIDIMVGMGYSQEEIQESLSKMKYDEITATYL
LLGRKSSE
;
_entity_poly.pdbx_strand_id   A,B
#
# COMPACT_ATOMS: atom_id res chain seq x y z
N PRO A 9 -13.23 -13.70 1.69
CA PRO A 9 -12.86 -14.70 2.70
C PRO A 9 -12.83 -14.14 4.12
N HIS A 10 -13.40 -14.90 5.06
CA HIS A 10 -13.37 -14.59 6.49
C HIS A 10 -12.61 -15.67 7.23
N ILE A 11 -11.97 -15.29 8.34
CA ILE A 11 -11.49 -16.27 9.33
C ILE A 11 -11.87 -15.75 10.70
N GLY A 12 -12.65 -16.56 11.44
CA GLY A 12 -13.16 -16.08 12.72
C GLY A 12 -13.87 -14.75 12.56
N ASN A 13 -13.45 -13.77 13.35
CA ASN A 13 -14.07 -12.46 13.34
C ASN A 13 -13.38 -11.49 12.38
N TYR A 14 -12.70 -11.98 11.35
CA TYR A 14 -11.86 -11.14 10.51
C TYR A 14 -12.19 -11.33 9.03
N ARG A 15 -12.24 -10.22 8.30
CA ARG A 15 -12.38 -10.24 6.85
CA ARG A 15 -12.38 -10.24 6.85
C ARG A 15 -11.00 -9.99 6.24
N LEU A 16 -10.52 -10.96 5.46
CA LEU A 16 -9.20 -10.86 4.89
C LEU A 16 -9.19 -9.92 3.70
N LEU A 17 -8.20 -9.04 3.65
CA LEU A 17 -8.09 -8.06 2.59
C LEU A 17 -6.79 -8.30 1.80
N LYS A 18 -6.04 -7.26 1.50
CA LYS A 18 -4.94 -7.39 0.56
C LYS A 18 -3.72 -8.03 1.22
N THR A 19 -2.91 -8.72 0.40
CA THR A 19 -1.69 -9.34 0.88
C THR A 19 -0.63 -8.27 1.11
N LEU A 20 0.00 -8.31 2.28
CA LEU A 20 1.09 -7.38 2.63
C LEU A 20 2.45 -7.99 2.37
N GLY A 21 2.56 -9.31 2.44
CA GLY A 21 3.80 -9.99 2.15
C GLY A 21 3.58 -11.46 1.94
N LYS A 22 4.48 -12.09 1.21
CA LYS A 22 4.45 -13.53 0.98
C LYS A 22 5.87 -14.04 1.14
N GLY A 23 6.08 -14.93 2.10
CA GLY A 23 7.39 -15.50 2.29
C GLY A 23 7.37 -16.99 2.05
N ASN A 24 8.40 -17.69 2.53
CA ASN A 24 8.40 -19.14 2.50
C ASN A 24 7.49 -19.66 3.61
N PHE A 25 6.45 -20.39 3.22
CA PHE A 25 5.55 -21.11 4.11
C PHE A 25 4.63 -20.20 4.91
N ALA A 26 4.58 -18.90 4.61
CA ALA A 26 3.68 -17.99 5.30
C ALA A 26 3.38 -16.80 4.40
N LYS A 27 2.26 -16.14 4.69
CA LYS A 27 1.93 -14.86 4.08
C LYS A 27 1.30 -13.96 5.15
N VAL A 28 1.35 -12.66 4.90
CA VAL A 28 0.76 -11.66 5.77
C VAL A 28 -0.30 -10.91 4.98
N LYS A 29 -1.50 -10.85 5.53
CA LYS A 29 -2.63 -10.15 4.93
C LYS A 29 -3.15 -9.07 5.87
N ARG A 30 -3.45 -7.90 5.31
CA ARG A 30 -4.23 -6.93 6.06
C ARG A 30 -5.68 -7.43 6.20
N ALA A 31 -6.32 -7.05 7.30
CA ALA A 31 -7.69 -7.50 7.52
C ALA A 31 -8.44 -6.48 8.37
N ARG A 32 -9.76 -6.63 8.40
CA ARG A 32 -10.63 -5.84 9.28
C ARG A 32 -11.30 -6.77 10.27
N HIS A 33 -11.26 -6.39 11.56
CA HIS A 33 -12.04 -7.06 12.60
C HIS A 33 -13.51 -6.70 12.44
N ILE A 34 -14.36 -7.71 12.23
CA ILE A 34 -15.76 -7.48 11.93
C ILE A 34 -16.48 -6.79 13.09
N LEU A 35 -16.17 -7.20 14.32
CA LEU A 35 -16.93 -6.73 15.47
C LEU A 35 -16.62 -5.28 15.81
N THR A 36 -15.35 -4.87 15.68
CA THR A 36 -14.92 -3.52 16.05
C THR A 36 -14.58 -2.64 14.87
N GLY A 37 -14.32 -3.21 13.70
CA GLY A 37 -13.95 -2.42 12.55
C GLY A 37 -12.49 -2.06 12.48
N ARG A 38 -11.70 -2.45 13.47
CA ARG A 38 -10.28 -2.13 13.50
C ARG A 38 -9.50 -2.95 12.47
N GLU A 39 -8.46 -2.33 11.90
CA GLU A 39 -7.59 -3.04 10.99
C GLU A 39 -6.51 -3.80 11.76
N VAL A 40 -6.08 -4.92 11.18
CA VAL A 40 -5.08 -5.80 11.78
C VAL A 40 -4.23 -6.35 10.66
N ALA A 41 -3.13 -7.00 11.03
CA ALA A 41 -2.31 -7.76 10.10
C ALA A 41 -2.26 -9.21 10.56
N ILE A 42 -2.56 -10.13 9.66
CA ILE A 42 -2.68 -11.55 10.01
C ILE A 42 -1.58 -12.31 9.30
N LYS A 43 -0.71 -12.94 10.08
CA LYS A 43 0.28 -13.86 9.54
C LYS A 43 -0.38 -15.22 9.38
N ILE A 44 -0.30 -15.78 8.18
CA ILE A 44 -1.05 -16.98 7.81
C ILE A 44 -0.04 -18.07 7.48
N ILE A 45 -0.04 -19.15 8.26
CA ILE A 45 0.97 -20.20 8.14
C ILE A 45 0.28 -21.52 7.81
N ASP A 46 0.63 -22.09 6.65
CA ASP A 46 0.16 -23.41 6.23
C ASP A 46 1.00 -24.45 6.97
N LYS A 47 0.41 -25.07 8.00
CA LYS A 47 1.14 -26.04 8.80
C LYS A 47 1.42 -27.33 8.04
N THR A 48 0.69 -27.59 6.95
CA THR A 48 0.87 -28.84 6.23
C THR A 48 2.21 -28.91 5.51
N GLN A 49 2.86 -27.76 5.29
CA GLN A 49 4.14 -27.70 4.61
C GLN A 49 5.32 -27.87 5.55
N LEU A 50 5.09 -27.88 6.86
CA LEU A 50 6.15 -27.87 7.85
C LEU A 50 6.43 -29.28 8.37
N ASN A 51 7.70 -29.55 8.65
CA ASN A 51 8.09 -30.75 9.38
C ASN A 51 7.91 -30.50 10.87
N PRO A 52 7.98 -31.54 11.70
CA PRO A 52 7.78 -31.32 13.14
C PRO A 52 8.76 -30.32 13.76
N THR A 53 9.97 -30.18 13.21
CA THR A 53 10.91 -29.20 13.73
C THR A 53 10.43 -27.78 13.44
N SER A 54 9.99 -27.53 12.22
CA SER A 54 9.41 -26.22 11.90
C SER A 54 8.18 -25.94 12.76
N LEU A 55 7.33 -26.96 12.96
CA LEU A 55 6.13 -26.79 13.77
C LEU A 55 6.49 -26.38 15.20
N GLN A 56 7.56 -26.96 15.75
CA GLN A 56 8.00 -26.58 17.09
C GLN A 56 8.39 -25.11 17.15
N LYS A 57 9.17 -24.63 16.18
CA LYS A 57 9.60 -23.24 16.19
C LYS A 57 8.41 -22.30 16.02
N LEU A 58 7.38 -22.75 15.31
CA LEU A 58 6.18 -21.93 15.12
C LEU A 58 5.50 -21.67 16.46
N PHE A 59 5.34 -22.71 17.28
CA PHE A 59 4.73 -22.50 18.57
C PHE A 59 5.66 -21.74 19.52
N ARG A 60 6.98 -21.84 19.30
CA ARG A 60 7.92 -21.00 20.04
C ARG A 60 7.66 -19.52 19.77
N GLU A 61 7.48 -19.14 18.50
CA GLU A 61 7.22 -17.74 18.18
C GLU A 61 5.97 -17.23 18.86
N VAL A 62 4.91 -18.04 18.89
CA VAL A 62 3.67 -17.64 19.56
C VAL A 62 3.93 -17.38 21.05
N ARG A 63 4.65 -18.30 21.70
CA ARG A 63 4.94 -18.14 23.12
C ARG A 63 5.70 -16.85 23.38
N ILE A 64 6.64 -16.49 22.49
CA ILE A 64 7.42 -15.27 22.66
C ILE A 64 6.54 -14.04 22.50
N MET A 65 5.68 -14.02 21.47
CA MET A 65 4.77 -12.91 21.28
CA MET A 65 4.80 -12.88 21.30
C MET A 65 3.85 -12.72 22.48
N LYS A 66 3.45 -13.80 23.15
CA LYS A 66 2.61 -13.65 24.33
C LYS A 66 3.38 -13.06 25.50
N ILE A 67 4.70 -13.22 25.53
CA ILE A 67 5.50 -12.65 26.62
C ILE A 67 5.68 -11.14 26.47
N LEU A 68 5.75 -10.64 25.24
CA LEU A 68 6.15 -9.26 24.99
C LEU A 68 4.95 -8.33 24.84
N ASN A 69 4.96 -7.22 25.58
CA ASN A 69 3.91 -6.20 25.50
CA ASN A 69 3.93 -6.19 25.43
C ASN A 69 4.58 -4.83 25.64
N HIS A 70 4.89 -4.19 24.51
CA HIS A 70 5.66 -2.94 24.49
C HIS A 70 5.10 -2.10 23.37
N PRO A 71 5.00 -0.77 23.54
CA PRO A 71 4.35 0.06 22.51
C PRO A 71 5.12 0.13 21.20
N ASN A 72 6.38 -0.30 21.16
CA ASN A 72 7.16 -0.32 19.93
C ASN A 72 7.52 -1.72 19.49
N ILE A 73 6.73 -2.71 19.90
CA ILE A 73 6.81 -4.07 19.38
C ILE A 73 5.43 -4.43 18.86
N ILE A 74 5.37 -4.99 17.63
CA ILE A 74 4.11 -5.47 17.07
C ILE A 74 3.43 -6.38 18.07
N LYS A 75 2.16 -6.08 18.37
CA LYS A 75 1.40 -6.79 19.39
C LYS A 75 0.62 -7.94 18.78
N LEU A 76 0.54 -9.05 19.51
CA LEU A 76 -0.33 -10.16 19.13
C LEU A 76 -1.68 -9.96 19.80
N PHE A 77 -2.75 -10.01 19.02
CA PHE A 77 -4.11 -9.91 19.53
C PHE A 77 -4.81 -11.25 19.67
N GLU A 78 -4.61 -12.17 18.73
CA GLU A 78 -5.43 -13.36 18.70
C GLU A 78 -4.68 -14.47 17.96
N VAL A 79 -4.93 -15.71 18.38
CA VAL A 79 -4.46 -16.89 17.65
C VAL A 79 -5.68 -17.70 17.23
N ILE A 80 -5.76 -18.03 15.93
CA ILE A 80 -6.75 -18.94 15.40
C ILE A 80 -6.02 -20.11 14.79
N GLU A 81 -6.41 -21.33 15.16
CA GLU A 81 -5.71 -22.51 14.67
C GLU A 81 -6.69 -23.56 14.18
N THR A 82 -6.56 -23.94 12.92
CA THR A 82 -7.23 -25.11 12.35
C THR A 82 -6.21 -26.23 12.17
N GLU A 83 -6.71 -27.38 11.70
CA GLU A 83 -5.81 -28.51 11.45
C GLU A 83 -4.69 -28.14 10.49
N LYS A 84 -5.00 -27.34 9.49
CA LYS A 84 -4.04 -27.03 8.43
C LYS A 84 -3.36 -25.69 8.58
N THR A 85 -3.99 -24.71 9.22
CA THR A 85 -3.52 -23.34 9.16
C THR A 85 -3.44 -22.74 10.56
N LEU A 86 -2.40 -21.93 10.77
CA LEU A 86 -2.26 -21.10 11.96
C LEU A 86 -2.37 -19.65 11.56
N TYR A 87 -3.22 -18.89 12.25
CA TYR A 87 -3.41 -17.46 12.00
C TYR A 87 -2.96 -16.70 13.24
N LEU A 88 -2.04 -15.76 13.07
CA LEU A 88 -1.60 -14.89 14.15
C LEU A 88 -2.09 -13.49 13.84
N ILE A 89 -3.08 -13.01 14.58
CA ILE A 89 -3.67 -11.71 14.33
C ILE A 89 -2.86 -10.67 15.10
N MET A 90 -2.27 -9.72 14.36
CA MET A 90 -1.32 -8.82 14.94
C MET A 90 -1.65 -7.38 14.60
N GLU A 91 -0.94 -6.49 15.28
CA GLU A 91 -0.98 -5.06 15.01
C GLU A 91 -0.57 -4.77 13.56
N TYR A 92 -1.26 -3.82 12.94
CA TYR A 92 -0.96 -3.36 11.59
C TYR A 92 -0.23 -2.02 11.65
N ALA A 93 0.85 -1.88 10.87
CA ALA A 93 1.69 -0.68 10.86
C ALA A 93 1.58 -0.04 9.47
N SER A 94 0.80 1.04 9.37
CA SER A 94 0.34 1.47 8.06
C SER A 94 1.44 2.14 7.23
N LYS A 95 2.56 2.53 7.83
CA LYS A 95 3.59 3.22 7.07
C LYS A 95 4.74 2.31 6.65
N GLY A 96 4.62 0.99 6.85
CA GLY A 96 5.54 0.07 6.22
C GLY A 96 6.90 -0.04 6.91
N GLU A 97 7.90 -0.49 6.15
CA GLU A 97 9.22 -0.80 6.68
C GLU A 97 10.11 0.43 6.70
N VAL A 98 10.89 0.58 7.75
CA VAL A 98 11.97 1.56 7.76
C VAL A 98 12.88 1.35 6.56
N TYR A 99 13.14 0.09 6.19
CA TYR A 99 13.98 -0.17 5.01
C TYR A 99 13.47 0.57 3.78
N ASP A 100 12.17 0.43 3.49
CA ASP A 100 11.63 1.10 2.31
C ASP A 100 11.66 2.61 2.47
N TYR A 101 11.49 3.10 3.70
CA TYR A 101 11.51 4.53 3.96
C TYR A 101 12.89 5.11 3.66
N LEU A 102 13.94 4.42 4.12
CA LEU A 102 15.32 4.85 3.80
C LEU A 102 15.58 4.79 2.31
N VAL A 103 15.10 3.74 1.63
CA VAL A 103 15.34 3.64 0.19
C VAL A 103 14.70 4.81 -0.53
N GLU A 104 13.48 5.16 -0.14
CA GLU A 104 12.76 6.21 -0.85
C GLU A 104 13.28 7.59 -0.49
N HIS A 105 13.54 7.86 0.78
CA HIS A 105 13.82 9.21 1.24
C HIS A 105 15.27 9.46 1.63
N GLY A 106 16.11 8.44 1.66
CA GLY A 106 17.49 8.62 2.03
C GLY A 106 17.68 8.65 3.54
N ARG A 107 18.86 9.13 3.96
CA ARG A 107 19.20 9.15 5.39
C ARG A 107 18.26 10.05 6.17
N MET A 108 18.07 9.70 7.43
CA MET A 108 17.39 10.58 8.38
C MET A 108 18.37 11.56 9.00
N LYS A 109 17.92 12.79 9.21
CA LYS A 109 18.68 13.70 10.06
C LYS A 109 18.84 13.06 11.43
N GLU A 110 19.90 13.43 12.15
CA GLU A 110 20.12 12.77 13.45
C GLU A 110 18.96 13.00 14.41
N LYS A 111 18.28 14.14 14.35
CA LYS A 111 17.14 14.31 15.26
C LYS A 111 15.99 13.37 14.92
N GLU A 112 15.79 13.06 13.63
CA GLU A 112 14.76 12.08 13.30
C GLU A 112 15.21 10.67 13.64
N ALA A 113 16.49 10.35 13.37
CA ALA A 113 17.01 9.05 13.73
C ALA A 113 16.96 8.84 15.24
N ARG A 114 17.23 9.90 16.01
CA ARG A 114 17.19 9.80 17.46
C ARG A 114 15.79 9.42 17.97
N SER A 115 14.75 10.03 17.40
CA SER A 115 13.40 9.70 17.86
CA SER A 115 13.40 9.71 17.85
CA SER A 115 13.39 9.71 17.83
C SER A 115 13.07 8.24 17.61
N LYS A 116 13.41 7.71 16.43
CA LYS A 116 13.17 6.30 16.15
C LYS A 116 14.06 5.41 17.01
N PHE A 117 15.34 5.77 17.12
CA PHE A 117 16.29 4.89 17.78
C PHE A 117 15.99 4.76 19.27
N ARG A 118 15.46 5.82 19.91
CA ARG A 118 15.09 5.70 21.32
C ARG A 118 14.00 4.64 21.49
N GLN A 119 13.06 4.61 20.55
CA GLN A 119 12.00 3.60 20.58
C GLN A 119 12.55 2.21 20.29
N ILE A 120 13.44 2.10 19.29
CA ILE A 120 14.06 0.82 18.98
C ILE A 120 14.82 0.29 20.18
N VAL A 121 15.65 1.14 20.79
CA VAL A 121 16.47 0.69 21.91
C VAL A 121 15.59 0.31 23.10
N SER A 122 14.55 1.11 23.39
CA SER A 122 13.62 0.75 24.45
C SER A 122 13.00 -0.63 24.21
N ALA A 123 12.53 -0.89 22.99
CA ALA A 123 11.87 -2.16 22.69
C ALA A 123 12.83 -3.34 22.85
N VAL A 124 14.05 -3.21 22.31
CA VAL A 124 14.98 -4.33 22.35
C VAL A 124 15.49 -4.55 23.78
N GLN A 125 15.78 -3.48 24.52
CA GLN A 125 16.22 -3.65 25.91
C GLN A 125 15.13 -4.33 26.72
N TYR A 126 13.89 -4.03 26.40
CA TYR A 126 12.76 -4.68 27.05
C TYR A 126 12.74 -6.17 26.74
N CYS A 127 12.94 -6.54 25.47
CA CYS A 127 13.10 -7.96 25.12
C CYS A 127 14.17 -8.61 25.98
N HIS A 128 15.32 -7.95 26.13
CA HIS A 128 16.40 -8.56 26.91
C HIS A 128 16.03 -8.66 28.39
N GLN A 129 15.26 -7.69 28.91
CA GLN A 129 14.71 -7.82 30.27
C GLN A 129 13.94 -9.12 30.41
N LYS A 130 13.17 -9.47 29.37
CA LYS A 130 12.34 -10.66 29.37
C LYS A 130 13.12 -11.89 28.91
N ARG A 131 14.44 -11.77 28.76
CA ARG A 131 15.32 -12.88 28.39
C ARG A 131 14.99 -13.40 26.99
N ILE A 132 14.62 -12.49 26.11
CA ILE A 132 14.35 -12.80 24.71
CA ILE A 132 14.36 -12.81 24.72
C ILE A 132 15.36 -12.05 23.86
N VAL A 133 16.01 -12.77 22.94
CA VAL A 133 16.86 -12.16 21.93
C VAL A 133 16.14 -12.26 20.59
N HIS A 134 16.13 -11.14 19.83
CA HIS A 134 15.38 -11.12 18.59
C HIS A 134 16.10 -11.91 17.50
N ARG A 135 17.40 -11.65 17.32
CA ARG A 135 18.34 -12.36 16.45
CA ARG A 135 18.33 -12.36 16.44
C ARG A 135 18.18 -12.02 14.95
N ASP A 136 17.19 -11.22 14.56
CA ASP A 136 17.13 -10.82 13.14
C ASP A 136 16.71 -9.35 13.04
N LEU A 137 17.35 -8.51 13.84
CA LEU A 137 17.07 -7.08 13.82
C LEU A 137 17.71 -6.49 12.56
N LYS A 138 16.90 -5.83 11.74
CA LYS A 138 17.35 -5.25 10.48
C LYS A 138 16.32 -4.21 10.07
N ALA A 139 16.70 -3.34 9.13
CA ALA A 139 15.79 -2.27 8.71
C ALA A 139 14.44 -2.83 8.23
N GLU A 140 14.44 -4.00 7.60
CA GLU A 140 13.21 -4.58 7.07
C GLU A 140 12.23 -4.99 8.17
N ASN A 141 12.71 -5.24 9.38
CA ASN A 141 11.86 -5.68 10.49
C ASN A 141 11.50 -4.57 11.45
N LEU A 142 11.81 -3.33 11.10
CA LEU A 142 11.35 -2.17 11.84
C LEU A 142 10.18 -1.58 11.05
N LEU A 143 8.97 -1.73 11.56
CA LEU A 143 7.82 -1.14 10.89
C LEU A 143 7.52 0.24 11.48
N LEU A 144 6.61 0.95 10.83
CA LEU A 144 6.23 2.33 11.16
C LEU A 144 4.70 2.42 11.18
N ASP A 145 4.14 2.90 12.29
CA ASP A 145 2.68 3.05 12.34
C ASP A 145 2.26 4.39 11.70
N ALA A 146 0.98 4.71 11.81
CA ALA A 146 0.43 5.88 11.13
C ALA A 146 1.08 7.18 11.60
N ASP A 147 1.65 7.19 12.80
CA ASP A 147 2.32 8.35 13.35
C ASP A 147 3.84 8.22 13.29
N MET A 148 4.36 7.27 12.51
CA MET A 148 5.79 7.05 12.33
C MET A 148 6.47 6.56 13.62
N ASN A 149 5.70 5.93 14.49
CA ASN A 149 6.29 5.22 15.62
C ASN A 149 6.82 3.86 15.17
N ILE A 150 7.95 3.46 15.77
CA ILE A 150 8.56 2.17 15.44
C ILE A 150 7.71 1.04 16.00
N LYS A 151 7.59 -0.04 15.23
CA LYS A 151 7.01 -1.30 15.70
C LYS A 151 7.94 -2.41 15.23
N ILE A 152 8.67 -3.04 16.16
CA ILE A 152 9.55 -4.12 15.76
C ILE A 152 8.73 -5.36 15.45
N ALA A 153 9.10 -6.05 14.37
CA ALA A 153 8.32 -7.19 13.87
C ALA A 153 9.22 -8.41 13.66
N ASP A 154 8.55 -9.51 13.32
CA ASP A 154 9.11 -10.81 12.98
C ASP A 154 10.00 -11.40 14.07
N PHE A 155 9.37 -12.04 15.06
CA PHE A 155 10.08 -12.80 16.08
C PHE A 155 10.18 -14.27 15.71
N GLY A 156 10.03 -14.59 14.43
CA GLY A 156 10.08 -15.98 13.97
C GLY A 156 11.42 -16.65 14.21
N PHE A 157 12.50 -15.88 14.31
CA PHE A 157 13.82 -16.45 14.58
C PHE A 157 14.29 -16.18 16.00
N SER A 158 13.47 -15.55 16.83
CA SER A 158 13.87 -15.19 18.18
CA SER A 158 13.89 -15.19 18.17
C SER A 158 13.94 -16.42 19.08
N ASN A 159 14.56 -16.26 20.23
CA ASN A 159 14.64 -17.35 21.19
C ASN A 159 14.79 -16.79 22.59
N GLU A 160 14.51 -17.63 23.58
CA GLU A 160 14.90 -17.33 24.95
C GLU A 160 16.41 -17.52 25.08
N PHE A 161 17.05 -16.68 25.87
CA PHE A 161 18.42 -16.95 26.27
C PHE A 161 18.45 -17.21 27.77
N THR A 162 19.34 -18.12 28.18
CA THR A 162 19.39 -18.58 29.56
C THR A 162 20.80 -18.50 30.10
N LYS A 163 20.90 -18.36 31.42
CA LYS A 163 22.20 -18.45 32.10
C LYS A 163 22.75 -19.86 31.96
N GLY A 164 24.03 -19.94 31.56
CA GLY A 164 24.71 -21.21 31.43
C GLY A 164 24.64 -21.85 30.05
N GLY A 165 23.69 -21.44 29.21
CA GLY A 165 23.54 -22.01 27.90
C GLY A 165 24.02 -21.10 26.79
N LYS A 166 24.31 -21.71 25.65
CA LYS A 166 24.69 -21.02 24.43
C LYS A 166 23.66 -21.32 23.35
N LEU A 167 23.53 -20.40 22.39
CA LEU A 167 22.41 -20.46 21.47
C LEU A 167 22.61 -21.48 20.35
N ASP A 168 21.49 -22.04 19.89
CA ASP A 168 21.46 -23.15 18.95
C ASP A 168 22.18 -22.87 17.64
N THR A 169 22.50 -21.60 17.37
CA THR A 169 23.07 -21.08 16.12
C THR A 169 21.98 -20.88 15.06
N PHE A 170 22.20 -19.86 14.22
CA PHE A 170 21.25 -19.40 13.20
C PHE A 170 21.90 -18.20 12.52
N CYS A 171 21.57 -17.95 11.26
CA CYS A 171 22.11 -16.81 10.54
C CYS A 171 20.97 -15.84 10.21
N GLY A 172 20.98 -14.68 10.86
CA GLY A 172 20.16 -13.57 10.41
C GLY A 172 20.70 -13.00 9.10
N SER A 173 20.21 -11.83 8.78
CA SER A 173 20.68 -11.10 7.60
C SER A 173 22.18 -10.83 7.75
N PRO A 174 23.02 -11.33 6.84
CA PRO A 174 24.48 -11.20 7.02
C PRO A 174 24.95 -9.77 7.26
N PRO A 175 24.42 -8.75 6.55
CA PRO A 175 24.93 -7.38 6.79
C PRO A 175 24.74 -6.90 8.22
N TYR A 176 23.79 -7.47 8.96
CA TYR A 176 23.55 -7.08 10.34
C TYR A 176 24.12 -8.06 11.36
N ALA A 177 24.76 -9.13 10.90
CA ALA A 177 25.19 -10.19 11.81
C ALA A 177 26.50 -9.83 12.52
N ALA A 178 26.56 -10.13 13.81
CA ALA A 178 27.74 -9.85 14.60
C ALA A 178 28.91 -10.70 14.14
N PRO A 179 30.15 -10.21 14.29
CA PRO A 179 31.31 -10.97 13.79
C PRO A 179 31.38 -12.40 14.30
N GLU A 180 31.02 -12.64 15.57
CA GLU A 180 31.09 -13.99 16.12
C GLU A 180 30.16 -14.95 15.39
N LEU A 181 29.07 -14.44 14.82
CA LEU A 181 28.18 -15.29 14.02
C LEU A 181 28.85 -15.77 12.74
N PHE A 182 29.69 -14.94 12.11
CA PHE A 182 30.40 -15.35 10.91
C PHE A 182 31.45 -16.42 11.20
N GLN A 183 31.93 -16.50 12.43
CA GLN A 183 32.95 -17.47 12.81
C GLN A 183 32.37 -18.71 13.48
N GLY A 184 31.06 -18.92 13.35
CA GLY A 184 30.44 -20.12 13.88
C GLY A 184 30.55 -20.27 15.38
N LYS A 185 30.87 -19.19 16.09
CA LYS A 185 31.08 -19.26 17.52
C LYS A 185 29.74 -19.31 18.25
N LYS A 186 29.72 -20.06 19.35
CA LYS A 186 28.57 -20.03 20.24
C LYS A 186 28.46 -18.65 20.88
N TYR A 187 27.23 -18.26 21.22
CA TYR A 187 26.95 -16.93 21.72
C TYR A 187 25.80 -17.00 22.71
N ASP A 188 25.78 -16.03 23.63
CA ASP A 188 24.78 -16.02 24.70
C ASP A 188 23.42 -15.59 24.20
N GLY A 189 23.36 -14.43 23.55
CA GLY A 189 22.10 -13.85 23.15
C GLY A 189 22.20 -12.37 22.90
N PRO A 190 22.04 -11.56 23.96
CA PRO A 190 21.73 -10.14 23.73
C PRO A 190 22.84 -9.39 23.02
N GLU A 191 24.10 -9.83 23.18
CA GLU A 191 25.21 -9.15 22.52
C GLU A 191 25.04 -9.12 20.99
N VAL A 192 24.41 -10.15 20.41
CA VAL A 192 24.26 -10.11 18.95
C VAL A 192 23.22 -9.10 18.54
N ASP A 193 22.14 -8.95 19.32
CA ASP A 193 21.19 -7.86 19.07
C ASP A 193 21.87 -6.50 19.17
N VAL A 194 22.78 -6.34 20.13
CA VAL A 194 23.43 -5.05 20.30
C VAL A 194 24.24 -4.69 19.06
N TRP A 195 24.98 -5.66 18.50
CA TRP A 195 25.72 -5.38 17.28
C TRP A 195 24.76 -4.97 16.16
N SER A 196 23.67 -5.71 16.00
CA SER A 196 22.71 -5.39 14.94
CA SER A 196 22.74 -5.38 14.92
C SER A 196 22.13 -3.99 15.11
N LEU A 197 21.95 -3.56 16.35
CA LEU A 197 21.43 -2.20 16.60
C LEU A 197 22.47 -1.15 16.22
N GLY A 198 23.75 -1.46 16.35
CA GLY A 198 24.78 -0.55 15.82
C GLY A 198 24.66 -0.39 14.33
N VAL A 199 24.48 -1.51 13.62
CA VAL A 199 24.29 -1.46 12.18
C VAL A 199 23.04 -0.66 11.84
N ILE A 200 21.97 -0.86 12.60
CA ILE A 200 20.72 -0.12 12.36
C ILE A 200 20.94 1.38 12.54
N LEU A 201 21.59 1.78 13.64
CA LEU A 201 21.87 3.19 13.86
C LEU A 201 22.63 3.79 12.69
N TYR A 202 23.65 3.07 12.23
CA TYR A 202 24.42 3.54 11.07
C TYR A 202 23.52 3.71 9.85
N THR A 203 22.61 2.76 9.58
N THR A 203 22.62 2.76 9.59
CA THR A 203 21.75 2.88 8.40
CA THR A 203 21.78 2.88 8.41
C THR A 203 20.78 4.04 8.54
C THR A 203 20.76 4.00 8.54
N LEU A 204 20.26 4.27 9.76
CA LEU A 204 19.32 5.38 9.92
C LEU A 204 19.98 6.73 9.61
N VAL A 205 21.20 6.93 10.10
CA VAL A 205 21.88 8.22 9.99
CA VAL A 205 21.82 8.24 9.95
C VAL A 205 22.57 8.40 8.64
N SER A 206 22.95 7.31 7.97
CA SER A 206 23.67 7.42 6.70
C SER A 206 22.88 6.98 5.48
N GLY A 207 21.79 6.23 5.66
CA GLY A 207 21.06 5.68 4.54
C GLY A 207 21.73 4.51 3.85
N SER A 208 22.82 3.98 4.41
CA SER A 208 23.56 2.88 3.80
CA SER A 208 23.52 2.86 3.80
C SER A 208 24.02 1.93 4.90
N LEU A 209 24.42 0.72 4.48
CA LEU A 209 24.98 -0.26 5.43
C LEU A 209 26.45 0.05 5.72
N PRO A 210 26.91 -0.20 6.96
CA PRO A 210 28.34 0.03 7.24
C PRO A 210 29.26 -1.03 6.64
N PHE A 211 28.78 -2.26 6.54
CA PHE A 211 29.55 -3.37 6.00
C PHE A 211 28.80 -3.91 4.78
N ASP A 212 29.45 -3.94 3.63
CA ASP A 212 28.87 -4.52 2.44
C ASP A 212 29.94 -5.20 1.63
N GLY A 213 29.52 -5.93 0.62
CA GLY A 213 30.45 -6.61 -0.26
C GLY A 213 29.69 -7.17 -1.45
N GLN A 214 30.46 -7.45 -2.51
CA GLN A 214 29.87 -8.02 -3.72
C GLN A 214 29.39 -9.44 -3.51
N ASN A 215 29.91 -10.14 -2.52
CA ASN A 215 29.50 -11.50 -2.20
C ASN A 215 29.65 -11.71 -0.70
N LEU A 216 29.24 -12.89 -0.22
CA LEU A 216 29.28 -13.17 1.21
C LEU A 216 30.71 -13.18 1.75
N LYS A 217 31.65 -13.77 0.99
CA LYS A 217 33.04 -13.79 1.43
C LYS A 217 33.56 -12.37 1.68
N GLU A 218 33.27 -11.45 0.76
CA GLU A 218 33.76 -10.08 0.92
C GLU A 218 33.07 -9.37 2.07
N LEU A 219 31.74 -9.51 2.18
CA LEU A 219 31.03 -8.97 3.33
C LEU A 219 31.61 -9.52 4.64
N ARG A 220 31.86 -10.83 4.69
CA ARG A 220 32.35 -11.45 5.91
CA ARG A 220 32.36 -11.46 5.90
C ARG A 220 33.66 -10.82 6.36
N GLU A 221 34.60 -10.63 5.43
CA GLU A 221 35.90 -10.08 5.79
C GLU A 221 35.78 -8.67 6.34
N ARG A 222 34.85 -7.87 5.80
CA ARG A 222 34.69 -6.50 6.30
C ARG A 222 34.07 -6.49 7.69
N VAL A 223 33.08 -7.33 7.93
CA VAL A 223 32.49 -7.37 9.27
C VAL A 223 33.53 -7.76 10.29
N LEU A 224 34.35 -8.78 9.98
CA LEU A 224 35.37 -9.26 10.92
C LEU A 224 36.44 -8.22 11.18
N ARG A 225 36.74 -7.37 10.20
CA ARG A 225 37.68 -6.27 10.46
C ARG A 225 37.02 -5.17 11.29
N GLY A 226 35.71 -5.01 11.16
CA GLY A 226 34.97 -4.07 11.98
C GLY A 226 35.17 -2.60 11.68
N LYS A 227 35.77 -2.27 10.54
CA LYS A 227 36.00 -0.89 10.14
C LYS A 227 34.88 -0.42 9.24
N TYR A 228 34.42 0.80 9.47
CA TYR A 228 33.34 1.40 8.70
C TYR A 228 33.64 2.89 8.55
N ARG A 229 33.04 3.49 7.52
CA ARG A 229 33.36 4.87 7.18
C ARG A 229 32.46 5.85 7.92
N ILE A 230 33.06 6.92 8.46
CA ILE A 230 32.28 7.96 9.13
C ILE A 230 32.03 9.09 8.12
N PRO A 231 30.78 9.35 7.72
CA PRO A 231 30.52 10.47 6.81
C PRO A 231 30.81 11.81 7.47
N PHE A 232 31.18 12.79 6.64
CA PHE A 232 31.53 14.12 7.16
C PHE A 232 30.36 14.77 7.91
N TYR A 233 29.12 14.44 7.54
CA TYR A 233 27.97 15.07 8.20
C TYR A 233 27.63 14.45 9.55
N MET A 234 28.24 13.32 9.92
CA MET A 234 27.86 12.64 11.16
C MET A 234 28.52 13.33 12.35
N SER A 235 27.74 13.58 13.41
CA SER A 235 28.27 14.27 14.58
C SER A 235 29.26 13.37 15.32
N THR A 236 30.18 14.00 16.06
CA THR A 236 31.11 13.20 16.87
CA THR A 236 31.12 13.24 16.90
C THR A 236 30.38 12.40 17.93
N ASP A 237 29.28 12.93 18.48
CA ASP A 237 28.52 12.18 19.48
C ASP A 237 27.92 10.92 18.86
N CYS A 238 27.45 11.01 17.62
CA CYS A 238 26.90 9.82 16.97
C CYS A 238 28.00 8.82 16.66
N GLU A 239 29.15 9.32 16.22
CA GLU A 239 30.30 8.45 15.98
C GLU A 239 30.70 7.74 17.26
N ASN A 240 30.75 8.46 18.38
CA ASN A 240 31.12 7.85 19.65
C ASN A 240 30.08 6.84 20.12
N LEU A 241 28.80 7.10 19.87
CA LEU A 241 27.79 6.13 20.25
C LEU A 241 27.93 4.84 19.44
N LEU A 242 28.21 4.96 18.15
CA LEU A 242 28.41 3.76 17.32
C LEU A 242 29.50 2.86 17.88
N LYS A 243 30.56 3.45 18.42
CA LYS A 243 31.65 2.68 19.00
C LYS A 243 31.20 1.81 20.17
N ARG A 244 30.08 2.14 20.82
CA ARG A 244 29.61 1.33 21.93
C ARG A 244 28.85 0.10 21.45
N PHE A 245 28.27 0.15 20.26
CA PHE A 245 27.59 -1.00 19.68
C PHE A 245 28.55 -1.91 18.90
N LEU A 246 29.39 -1.32 18.06
CA LEU A 246 30.14 -2.06 17.05
C LEU A 246 31.53 -2.41 17.57
N VAL A 247 31.52 -3.15 18.66
CA VAL A 247 32.72 -3.66 19.31
C VAL A 247 32.91 -5.09 18.87
N LEU A 248 34.11 -5.43 18.37
CA LEU A 248 34.33 -6.78 17.87
C LEU A 248 34.17 -7.82 18.99
N ASN A 249 34.82 -7.60 20.13
CA ASN A 249 34.71 -8.53 21.25
C ASN A 249 33.32 -8.43 21.89
N PRO A 250 32.47 -9.44 21.81
CA PRO A 250 31.16 -9.34 22.47
C PRO A 250 31.26 -9.09 23.97
N ILE A 251 32.34 -9.54 24.62
CA ILE A 251 32.53 -9.31 26.06
C ILE A 251 32.57 -7.82 26.37
N LYS A 252 33.12 -7.01 25.47
CA LYS A 252 33.33 -5.59 25.70
C LYS A 252 32.26 -4.71 25.08
N ARG A 253 31.29 -5.32 24.41
CA ARG A 253 30.21 -4.57 23.79
C ARG A 253 29.31 -3.98 24.88
N GLY A 254 28.86 -2.74 24.67
CA GLY A 254 27.96 -2.15 25.66
C GLY A 254 26.66 -2.93 25.77
N THR A 255 26.05 -2.88 26.96
CA THR A 255 24.69 -3.36 27.12
C THR A 255 23.72 -2.21 26.86
N LEU A 256 22.48 -2.56 26.49
CA LEU A 256 21.54 -1.50 26.12
C LEU A 256 21.17 -0.64 27.33
N GLU A 257 21.08 -1.24 28.51
CA GLU A 257 20.80 -0.43 29.70
C GLU A 257 21.90 0.61 29.93
N GLN A 258 23.16 0.26 29.66
CA GLN A 258 24.25 1.24 29.79
C GLN A 258 24.17 2.28 28.67
N ILE A 259 23.91 1.83 27.45
CA ILE A 259 23.91 2.71 26.30
C ILE A 259 22.75 3.72 26.37
N MET A 260 21.66 3.37 27.06
CA MET A 260 20.53 4.29 27.23
C MET A 260 20.93 5.63 27.85
N LYS A 261 22.02 5.67 28.60
CA LYS A 261 22.47 6.91 29.24
C LYS A 261 23.32 7.80 28.33
N ASP A 262 23.57 7.37 27.10
CA ASP A 262 24.54 8.06 26.24
C ASP A 262 24.07 9.47 25.90
N ARG A 263 25.04 10.38 25.76
CA ARG A 263 24.72 11.78 25.44
C ARG A 263 23.91 11.90 24.15
N TRP A 264 24.26 11.14 23.11
CA TRP A 264 23.57 11.30 21.84
C TRP A 264 22.10 10.88 21.95
N ILE A 265 21.81 9.80 22.67
CA ILE A 265 20.46 9.28 22.83
C ILE A 265 19.55 10.32 23.49
N ASN A 266 20.11 11.13 24.38
CA ASN A 266 19.31 11.99 25.25
C ASN A 266 19.47 13.46 24.95
N ALA A 267 20.16 13.81 23.86
CA ALA A 267 20.33 15.21 23.52
C ALA A 267 18.98 15.86 23.30
N GLY A 268 18.70 16.92 24.06
CA GLY A 268 17.43 17.59 24.00
C GLY A 268 16.31 16.93 24.77
N HIS A 269 16.61 15.92 25.57
CA HIS A 269 15.58 15.23 26.34
C HIS A 269 15.73 15.46 27.84
N GLU A 270 15.73 16.74 28.24
CA GLU A 270 15.81 17.08 29.66
C GLU A 270 14.61 16.52 30.41
N GLU A 271 14.86 15.99 31.60
CA GLU A 271 13.84 15.33 32.42
C GLU A 271 13.19 14.17 31.70
N ASP A 272 13.89 13.59 30.72
CA ASP A 272 13.33 12.51 29.92
C ASP A 272 14.44 11.56 29.47
N GLU A 273 15.40 11.29 30.35
CA GLU A 273 16.46 10.36 29.99
C GLU A 273 15.87 9.00 29.64
N LEU A 274 16.37 8.37 28.59
CA LEU A 274 15.90 7.05 28.21
C LEU A 274 16.25 6.03 29.28
N LYS A 275 15.27 5.20 29.65
CA LYS A 275 15.50 4.25 30.74
C LYS A 275 14.72 2.98 30.44
N PRO A 276 15.08 1.86 31.07
CA PRO A 276 14.36 0.61 30.81
C PRO A 276 12.87 0.78 30.97
N PHE A 277 12.14 0.23 30.01
CA PHE A 277 10.69 0.24 30.01
C PHE A 277 10.15 -0.51 31.22
N VAL A 278 9.08 0.02 31.83
CA VAL A 278 8.40 -0.64 32.95
C VAL A 278 7.01 -1.00 32.46
N GLU A 279 6.77 -2.28 32.26
CA GLU A 279 5.54 -2.74 31.66
C GLU A 279 4.42 -2.60 32.68
N PRO A 280 3.37 -1.84 32.40
CA PRO A 280 2.28 -1.70 33.36
C PRO A 280 1.40 -2.94 33.35
N GLU A 281 0.62 -3.10 34.41
CA GLU A 281 -0.38 -4.15 34.42
C GLU A 281 -1.47 -3.81 33.42
N LEU A 282 -1.91 -4.82 32.66
CA LEU A 282 -2.96 -4.58 31.69
C LEU A 282 -4.27 -4.32 32.42
N ASP A 283 -4.93 -3.22 32.07
CA ASP A 283 -6.25 -2.95 32.61
C ASP A 283 -7.26 -3.84 31.89
N ILE A 284 -7.78 -4.83 32.59
CA ILE A 284 -8.78 -5.73 32.03
C ILE A 284 -10.18 -5.41 32.56
N SER A 285 -10.38 -4.24 33.16
CA SER A 285 -11.62 -3.93 33.87
C SER A 285 -12.35 -2.72 33.29
N ASP A 286 -12.00 -2.31 32.06
CA ASP A 286 -12.66 -1.17 31.45
C ASP A 286 -14.12 -1.49 31.12
N GLN A 287 -15.02 -1.13 32.04
CA GLN A 287 -16.43 -1.48 31.91
C GLN A 287 -17.07 -0.85 30.68
N LYS A 288 -16.49 0.22 30.14
CA LYS A 288 -17.02 0.80 28.91
C LYS A 288 -16.81 -0.15 27.74
N ARG A 289 -15.65 -0.79 27.66
CA ARG A 289 -15.39 -1.75 26.60
C ARG A 289 -16.15 -3.06 26.86
N ILE A 290 -16.18 -3.51 28.11
CA ILE A 290 -16.91 -4.73 28.44
C ILE A 290 -18.39 -4.57 28.10
N ASP A 291 -18.98 -3.41 28.41
CA ASP A 291 -20.38 -3.17 28.08
C ASP A 291 -20.62 -3.26 26.59
N ILE A 292 -19.67 -2.77 25.78
CA ILE A 292 -19.80 -2.89 24.33
C ILE A 292 -19.78 -4.35 23.93
N MET A 293 -18.90 -5.14 24.56
CA MET A 293 -18.80 -6.56 24.23
C MET A 293 -20.02 -7.33 24.71
N VAL A 294 -20.59 -6.96 25.86
CA VAL A 294 -21.85 -7.58 26.28
C VAL A 294 -22.93 -7.28 25.26
N GLY A 295 -22.96 -6.06 24.75
CA GLY A 295 -23.88 -5.74 23.67
C GLY A 295 -23.67 -6.59 22.44
N MET A 296 -22.41 -7.00 22.18
CA MET A 296 -22.11 -7.85 21.05
C MET A 296 -22.59 -9.28 21.24
N GLY A 297 -22.74 -9.74 22.47
CA GLY A 297 -23.24 -11.08 22.73
C GLY A 297 -22.44 -11.91 23.71
N TYR A 298 -21.19 -11.52 23.97
CA TYR A 298 -20.41 -12.22 24.99
C TYR A 298 -20.98 -11.92 26.37
N SER A 299 -20.81 -12.87 27.28
CA SER A 299 -21.28 -12.65 28.63
C SER A 299 -20.19 -11.95 29.44
N GLN A 300 -20.64 -11.14 30.40
CA GLN A 300 -19.70 -10.48 31.32
C GLN A 300 -18.72 -11.48 31.93
N GLU A 301 -19.23 -12.66 32.31
CA GLU A 301 -18.38 -13.65 32.98
C GLU A 301 -17.38 -14.28 32.01
N GLU A 302 -17.80 -14.57 30.78
CA GLU A 302 -16.87 -15.09 29.77
C GLU A 302 -15.76 -14.08 29.51
N ILE A 303 -16.10 -12.80 29.46
CA ILE A 303 -15.09 -11.78 29.17
C ILE A 303 -14.05 -11.74 30.27
N GLN A 304 -14.50 -11.82 31.53
CA GLN A 304 -13.58 -11.80 32.67
C GLN A 304 -12.65 -13.01 32.63
N GLU A 305 -13.18 -14.19 32.32
CA GLU A 305 -12.37 -15.40 32.28
C GLU A 305 -11.31 -15.34 31.18
N SER A 306 -11.71 -14.93 29.97
CA SER A 306 -10.71 -14.83 28.89
C SER A 306 -9.64 -13.78 29.19
N LEU A 307 -10.05 -12.63 29.75
CA LEU A 307 -9.07 -11.58 30.01
C LEU A 307 -8.17 -11.94 31.19
N SER A 308 -8.75 -12.47 32.27
CA SER A 308 -7.95 -12.80 33.44
C SER A 308 -6.94 -13.89 33.13
N LYS A 309 -7.33 -14.87 32.32
CA LYS A 309 -6.40 -15.91 31.90
C LYS A 309 -5.63 -15.54 30.65
N MET A 310 -5.86 -14.34 30.09
CA MET A 310 -5.20 -13.82 28.90
C MET A 310 -5.05 -14.90 27.85
N LYS A 311 -6.18 -15.31 27.27
CA LYS A 311 -6.22 -16.46 26.38
C LYS A 311 -5.80 -16.13 24.95
N TYR A 312 -5.72 -14.86 24.57
CA TYR A 312 -5.49 -14.47 23.17
C TYR A 312 -6.52 -15.15 22.25
N ASP A 313 -7.79 -15.09 22.67
CA ASP A 313 -8.89 -15.64 21.92
C ASP A 313 -9.72 -14.50 21.34
N GLU A 314 -10.91 -14.83 20.84
CA GLU A 314 -11.71 -13.82 20.16
C GLU A 314 -12.15 -12.73 21.13
N ILE A 315 -12.27 -13.04 22.41
CA ILE A 315 -12.71 -12.08 23.42
C ILE A 315 -11.59 -11.10 23.77
N THR A 316 -10.39 -11.60 24.11
CA THR A 316 -9.32 -10.66 24.47
C THR A 316 -8.95 -9.78 23.29
N ALA A 317 -8.96 -10.34 22.07
CA ALA A 317 -8.69 -9.55 20.89
C ALA A 317 -9.69 -8.41 20.74
N THR A 318 -10.99 -8.71 20.88
CA THR A 318 -11.99 -7.66 20.80
C THR A 318 -11.77 -6.57 21.84
N TYR A 319 -11.46 -6.98 23.07
CA TYR A 319 -11.24 -6.03 24.16
C TYR A 319 -10.04 -5.12 23.85
N LEU A 320 -8.94 -5.72 23.41
CA LEU A 320 -7.77 -4.93 23.04
C LEU A 320 -8.06 -4.02 21.86
N LEU A 321 -8.75 -4.54 20.85
CA LEU A 321 -8.99 -3.72 19.65
C LEU A 321 -9.90 -2.54 19.96
N LEU A 322 -10.88 -2.72 20.85
CA LEU A 322 -11.72 -1.62 21.28
C LEU A 322 -10.94 -0.52 21.97
N GLY A 323 -9.77 -0.83 22.53
CA GLY A 323 -8.91 0.16 23.13
C GLY A 323 -7.99 0.87 22.17
N ARG A 324 -8.09 0.59 20.87
CA ARG A 324 -7.27 1.24 19.86
C ARG A 324 -8.12 2.18 19.02
N LYS A 325 -7.50 3.28 18.59
CA LYS A 325 -8.17 4.26 17.75
C LYS A 325 -8.61 3.64 16.43
N SER A 326 -9.73 4.12 15.91
CA SER A 326 -10.15 3.73 14.57
C SER A 326 -9.17 4.26 13.53
N SER A 327 -8.89 3.44 12.52
CA SER A 327 -7.96 3.83 11.46
C SER A 327 -8.12 2.92 10.25
N PRO B 9 17.91 1.40 -9.18
CA PRO B 9 17.07 1.17 -10.35
C PRO B 9 16.43 2.45 -10.87
N HIS B 10 17.12 3.13 -11.77
CA HIS B 10 16.64 4.39 -12.34
C HIS B 10 16.23 4.17 -13.79
N ILE B 11 15.27 4.98 -14.24
CA ILE B 11 14.99 5.12 -15.66
C ILE B 11 14.75 6.60 -15.93
N GLY B 12 15.56 7.18 -16.82
CA GLY B 12 15.50 8.61 -17.03
C GLY B 12 15.61 9.37 -15.72
N ASN B 13 14.69 10.29 -15.50
CA ASN B 13 14.67 11.12 -14.29
C ASN B 13 13.89 10.47 -13.15
N TYR B 14 13.75 9.15 -13.11
CA TYR B 14 12.87 8.50 -12.14
C TYR B 14 13.57 7.41 -11.34
N ARG B 15 13.40 7.43 -10.01
CA ARG B 15 13.83 6.38 -9.12
CA ARG B 15 13.84 6.37 -9.13
C ARG B 15 12.70 5.37 -8.95
N LEU B 16 12.90 4.15 -9.40
CA LEU B 16 11.85 3.15 -9.33
C LEU B 16 11.74 2.59 -7.91
N LEU B 17 10.50 2.46 -7.43
CA LEU B 17 10.26 1.97 -6.09
C LEU B 17 9.38 0.71 -6.13
N LYS B 18 8.36 0.63 -5.29
CA LYS B 18 7.64 -0.64 -5.09
C LYS B 18 6.67 -0.92 -6.23
N THR B 19 6.43 -2.22 -6.46
CA THR B 19 5.52 -2.66 -7.50
C THR B 19 4.08 -2.53 -7.04
N LEU B 20 3.26 -1.86 -7.84
CA LEU B 20 1.83 -1.68 -7.58
C LEU B 20 0.99 -2.77 -8.22
N GLY B 21 1.41 -3.29 -9.37
CA GLY B 21 0.66 -4.32 -10.05
C GLY B 21 1.52 -5.01 -11.07
N LYS B 22 1.14 -6.25 -11.38
CA LYS B 22 1.86 -7.10 -12.32
C LYS B 22 0.84 -7.70 -13.26
N GLY B 23 0.98 -7.41 -14.55
CA GLY B 23 0.29 -8.13 -15.59
C GLY B 23 1.26 -8.99 -16.37
N ASN B 24 0.72 -9.72 -17.33
CA ASN B 24 1.59 -10.35 -18.31
C ASN B 24 2.08 -9.29 -19.28
N PHE B 25 3.40 -9.28 -19.51
CA PHE B 25 4.11 -8.34 -20.39
C PHE B 25 4.19 -6.93 -19.83
N ALA B 26 3.62 -6.64 -18.66
CA ALA B 26 3.65 -5.28 -18.11
C ALA B 26 3.56 -5.32 -16.59
N LYS B 27 4.17 -4.31 -15.95
CA LYS B 27 4.00 -4.08 -14.53
C LYS B 27 3.91 -2.59 -14.26
N VAL B 28 3.38 -2.23 -13.10
CA VAL B 28 3.25 -0.84 -12.67
C VAL B 28 4.04 -0.67 -11.38
N LYS B 29 4.95 0.30 -11.38
CA LYS B 29 5.74 0.61 -10.20
C LYS B 29 5.51 2.06 -9.79
N ARG B 30 5.44 2.27 -8.47
CA ARG B 30 5.55 3.62 -7.94
C ARG B 30 6.98 4.10 -8.09
N ALA B 31 7.15 5.41 -8.30
CA ALA B 31 8.46 5.99 -8.51
C ALA B 31 8.48 7.42 -8.01
N ARG B 32 9.69 7.94 -7.79
CA ARG B 32 9.89 9.34 -7.46
C ARG B 32 10.63 10.02 -8.61
N HIS B 33 10.14 11.19 -9.01
CA HIS B 33 10.85 12.02 -9.98
C HIS B 33 12.04 12.69 -9.30
N ILE B 34 13.25 12.47 -9.84
CA ILE B 34 14.48 12.94 -9.20
C ILE B 34 14.51 14.46 -9.11
N LEU B 35 14.08 15.14 -10.17
CA LEU B 35 14.28 16.59 -10.24
C LEU B 35 13.30 17.34 -9.35
N THR B 36 12.06 16.88 -9.25
CA THR B 36 11.01 17.54 -8.48
C THR B 36 10.62 16.83 -7.19
N GLY B 37 10.95 15.55 -7.06
CA GLY B 37 10.56 14.82 -5.87
C GLY B 37 9.14 14.31 -5.88
N ARG B 38 8.37 14.57 -6.95
CA ARG B 38 6.98 14.14 -7.01
C ARG B 38 6.89 12.63 -7.23
N GLU B 39 5.88 12.02 -6.63
CA GLU B 39 5.62 10.61 -6.90
C GLU B 39 4.83 10.44 -8.20
N VAL B 40 5.10 9.32 -8.88
CA VAL B 40 4.39 8.95 -10.10
C VAL B 40 4.15 7.44 -10.08
N ALA B 41 3.33 6.98 -11.01
CA ALA B 41 3.14 5.55 -11.28
C ALA B 41 3.63 5.27 -12.70
N ILE B 42 4.49 4.28 -12.86
CA ILE B 42 5.12 4.01 -14.16
C ILE B 42 4.68 2.64 -14.65
N LYS B 43 4.03 2.62 -15.81
CA LYS B 43 3.71 1.36 -16.46
C LYS B 43 4.91 0.95 -17.32
N ILE B 44 5.45 -0.23 -17.05
CA ILE B 44 6.63 -0.73 -17.71
C ILE B 44 6.21 -1.91 -18.57
N ILE B 45 6.35 -1.76 -19.89
CA ILE B 45 5.89 -2.76 -20.85
C ILE B 45 7.09 -3.37 -21.55
N ASP B 46 7.25 -4.69 -21.40
CA ASP B 46 8.29 -5.45 -22.09
C ASP B 46 7.85 -5.68 -23.52
N LYS B 47 8.44 -4.92 -24.46
CA LYS B 47 8.03 -5.04 -25.86
C LYS B 47 8.57 -6.28 -26.55
N THR B 48 9.58 -6.94 -25.97
CA THR B 48 10.24 -8.03 -26.69
C THR B 48 9.31 -9.20 -26.92
N GLN B 49 8.31 -9.38 -26.07
CA GLN B 49 7.42 -10.52 -26.15
C GLN B 49 6.11 -10.20 -26.85
N LEU B 50 6.01 -9.04 -27.48
CA LEU B 50 4.78 -8.63 -28.15
C LEU B 50 4.90 -8.87 -29.65
N ASN B 51 3.83 -9.38 -30.24
CA ASN B 51 3.72 -9.51 -31.69
C ASN B 51 3.38 -8.14 -32.29
N PRO B 52 3.52 -7.98 -33.60
CA PRO B 52 3.20 -6.68 -34.21
C PRO B 52 1.77 -6.21 -33.97
N THR B 53 0.83 -7.14 -33.76
CA THR B 53 -0.54 -6.73 -33.46
C THR B 53 -0.64 -6.13 -32.06
N SER B 54 -0.03 -6.79 -31.08
CA SER B 54 0.00 -6.25 -29.73
C SER B 54 0.78 -4.94 -29.68
N LEU B 55 1.85 -4.84 -30.47
CA LEU B 55 2.66 -3.63 -30.48
C LEU B 55 1.85 -2.44 -30.98
N GLN B 56 1.02 -2.64 -32.02
CA GLN B 56 0.20 -1.53 -32.50
C GLN B 56 -0.88 -1.18 -31.50
N LYS B 57 -1.46 -2.18 -30.84
CA LYS B 57 -2.39 -1.90 -29.74
C LYS B 57 -1.72 -1.05 -28.67
N LEU B 58 -0.44 -1.30 -28.40
CA LEU B 58 0.29 -0.52 -27.41
C LEU B 58 0.41 0.93 -27.82
N PHE B 59 0.83 1.18 -29.07
CA PHE B 59 0.98 2.56 -29.50
C PHE B 59 -0.38 3.26 -29.60
N ARG B 60 -1.43 2.50 -29.89
CA ARG B 60 -2.80 3.05 -29.84
C ARG B 60 -3.12 3.56 -28.44
N GLU B 61 -2.80 2.77 -27.41
CA GLU B 61 -3.07 3.20 -26.04
C GLU B 61 -2.36 4.52 -25.73
N VAL B 62 -1.11 4.65 -26.16
CA VAL B 62 -0.36 5.88 -25.90
C VAL B 62 -1.03 7.05 -26.60
N ARG B 63 -1.45 6.86 -27.84
CA ARG B 63 -2.10 7.95 -28.56
C ARG B 63 -3.37 8.38 -27.84
N ILE B 64 -4.12 7.44 -27.28
CA ILE B 64 -5.33 7.79 -26.54
C ILE B 64 -4.98 8.59 -25.29
N MET B 65 -3.96 8.17 -24.55
CA MET B 65 -3.57 8.90 -23.34
CA MET B 65 -3.55 8.89 -23.34
C MET B 65 -3.16 10.33 -23.66
N LYS B 66 -2.51 10.54 -24.81
CA LYS B 66 -2.14 11.91 -25.17
C LYS B 66 -3.35 12.76 -25.51
N ILE B 67 -4.42 12.14 -26.02
CA ILE B 67 -5.62 12.90 -26.34
C ILE B 67 -6.36 13.36 -25.08
N LEU B 68 -6.39 12.52 -24.04
CA LEU B 68 -7.27 12.76 -22.90
C LEU B 68 -6.56 13.57 -21.80
N ASN B 69 -7.19 14.67 -21.39
CA ASN B 69 -6.66 15.49 -20.29
CA ASN B 69 -6.67 15.54 -20.31
C ASN B 69 -7.85 15.99 -19.46
N HIS B 70 -8.14 15.26 -18.38
CA HIS B 70 -9.30 15.50 -17.53
C HIS B 70 -8.87 15.24 -16.09
N PRO B 71 -9.36 16.03 -15.13
CA PRO B 71 -8.91 15.86 -13.73
C PRO B 71 -9.29 14.52 -13.12
N ASN B 72 -10.24 13.78 -13.70
CA ASN B 72 -10.61 12.47 -13.17
C ASN B 72 -10.24 11.33 -14.11
N ILE B 73 -9.24 11.55 -14.97
CA ILE B 73 -8.65 10.49 -15.78
C ILE B 73 -7.15 10.50 -15.49
N ILE B 74 -6.59 9.31 -15.23
CA ILE B 74 -5.16 9.20 -14.97
C ILE B 74 -4.39 9.89 -16.08
N LYS B 75 -3.52 10.82 -15.71
CA LYS B 75 -2.82 11.64 -16.69
C LYS B 75 -1.48 11.04 -17.06
N LEU B 76 -1.10 11.16 -18.33
CA LEU B 76 0.22 10.77 -18.81
C LEU B 76 1.17 11.96 -18.72
N PHE B 77 2.34 11.75 -18.10
CA PHE B 77 3.35 12.80 -17.98
C PHE B 77 4.51 12.68 -18.96
N GLU B 78 4.97 11.46 -19.23
CA GLU B 78 6.20 11.28 -19.99
C GLU B 78 6.18 9.89 -20.59
N VAL B 79 6.82 9.76 -21.75
CA VAL B 79 7.05 8.48 -22.39
C VAL B 79 8.55 8.31 -22.57
N ILE B 80 9.09 7.21 -22.06
CA ILE B 80 10.47 6.80 -22.31
C ILE B 80 10.43 5.48 -23.03
N GLU B 81 11.16 5.38 -24.14
CA GLU B 81 11.13 4.17 -24.96
C GLU B 81 12.55 3.73 -25.29
N THR B 82 12.83 2.46 -25.03
CA THR B 82 14.05 1.80 -25.52
C THR B 82 13.64 0.73 -26.53
N GLU B 83 14.64 0.02 -27.06
CA GLU B 83 14.33 -1.06 -28.00
C GLU B 83 13.51 -2.15 -27.34
N LYS B 84 13.77 -2.44 -26.06
CA LYS B 84 13.13 -3.55 -25.38
C LYS B 84 11.92 -3.15 -24.55
N THR B 85 11.84 -1.90 -24.09
CA THR B 85 10.88 -1.55 -23.06
C THR B 85 10.21 -0.22 -23.37
N LEU B 86 8.93 -0.11 -23.03
CA LEU B 86 8.21 1.15 -23.06
C LEU B 86 7.86 1.54 -21.63
N TYR B 87 8.13 2.79 -21.26
CA TYR B 87 7.78 3.31 -19.94
C TYR B 87 6.76 4.42 -20.11
N LEU B 88 5.60 4.26 -19.47
CA LEU B 88 4.57 5.30 -19.44
C LEU B 88 4.51 5.86 -18.03
N ILE B 89 4.95 7.10 -17.87
CA ILE B 89 4.99 7.76 -16.57
C ILE B 89 3.65 8.46 -16.36
N MET B 90 2.91 8.05 -15.32
CA MET B 90 1.56 8.52 -15.14
C MET B 90 1.32 8.97 -13.70
N GLU B 91 0.14 9.56 -13.49
CA GLU B 91 -0.33 9.91 -12.16
C GLU B 91 -0.37 8.70 -11.23
N TYR B 92 -0.03 8.93 -9.96
CA TYR B 92 -0.15 7.93 -8.91
C TYR B 92 -1.38 8.25 -8.06
N ALA B 93 -2.23 7.25 -7.84
CA ALA B 93 -3.46 7.38 -7.06
C ALA B 93 -3.27 6.60 -5.76
N SER B 94 -2.98 7.32 -4.67
CA SER B 94 -2.47 6.67 -3.47
C SER B 94 -3.52 5.86 -2.71
N LYS B 95 -4.81 6.05 -2.98
CA LYS B 95 -5.82 5.32 -2.23
C LYS B 95 -6.41 4.14 -2.98
N GLY B 96 -5.83 3.79 -4.14
CA GLY B 96 -6.08 2.51 -4.76
C GLY B 96 -7.41 2.43 -5.51
N GLU B 97 -7.90 1.19 -5.64
CA GLU B 97 -9.05 0.90 -6.50
C GLU B 97 -10.35 1.11 -5.74
N VAL B 98 -11.36 1.64 -6.46
CA VAL B 98 -12.71 1.68 -5.88
C VAL B 98 -13.18 0.27 -5.55
N TYR B 99 -12.81 -0.72 -6.38
CA TYR B 99 -13.19 -2.10 -6.09
C TYR B 99 -12.72 -2.53 -4.70
N ASP B 100 -11.44 -2.30 -4.38
CA ASP B 100 -10.95 -2.69 -3.06
C ASP B 100 -11.59 -1.88 -1.96
N TYR B 101 -11.92 -0.62 -2.23
CA TYR B 101 -12.56 0.23 -1.23
C TYR B 101 -13.95 -0.29 -0.88
N LEU B 102 -14.73 -0.67 -1.88
CA LEU B 102 -16.05 -1.28 -1.63
C LEU B 102 -15.92 -2.61 -0.91
N VAL B 103 -14.92 -3.41 -1.26
CA VAL B 103 -14.74 -4.69 -0.57
C VAL B 103 -14.49 -4.45 0.92
N GLU B 104 -13.67 -3.45 1.24
CA GLU B 104 -13.26 -3.26 2.62
C GLU B 104 -14.33 -2.57 3.44
N HIS B 105 -14.96 -1.53 2.88
CA HIS B 105 -15.86 -0.67 3.64
C HIS B 105 -17.33 -0.90 3.34
N GLY B 106 -17.66 -1.68 2.32
CA GLY B 106 -19.05 -1.86 1.96
C GLY B 106 -19.56 -0.72 1.09
N ARG B 107 -20.88 -0.65 0.97
CA ARG B 107 -21.50 0.33 0.10
C ARG B 107 -21.21 1.75 0.57
N MET B 108 -21.15 2.67 -0.38
CA MET B 108 -21.08 4.09 -0.05
C MET B 108 -22.47 4.61 0.24
N LYS B 109 -22.57 5.53 1.21
CA LYS B 109 -23.80 6.27 1.34
C LYS B 109 -24.02 7.08 0.07
N GLU B 110 -25.29 7.42 -0.22
CA GLU B 110 -25.56 8.04 -1.52
C GLU B 110 -24.87 9.39 -1.66
N LYS B 111 -24.66 10.11 -0.57
CA LYS B 111 -23.90 11.36 -0.67
C LYS B 111 -22.48 11.12 -1.19
N GLU B 112 -21.80 10.08 -0.68
CA GLU B 112 -20.45 9.80 -1.14
C GLU B 112 -20.46 9.22 -2.54
N ALA B 113 -21.42 8.32 -2.83
CA ALA B 113 -21.49 7.75 -4.17
C ALA B 113 -21.73 8.85 -5.21
N ARG B 114 -22.55 9.83 -4.87
CA ARG B 114 -22.85 10.92 -5.79
C ARG B 114 -21.60 11.73 -6.12
N SER B 115 -20.78 12.03 -5.13
CA SER B 115 -19.57 12.79 -5.39
CA SER B 115 -19.55 12.78 -5.38
CA SER B 115 -19.57 12.79 -5.39
C SER B 115 -18.64 12.05 -6.36
N LYS B 116 -18.44 10.75 -6.15
CA LYS B 116 -17.63 9.97 -7.06
C LYS B 116 -18.28 9.86 -8.43
N PHE B 117 -19.59 9.64 -8.47
CA PHE B 117 -20.23 9.36 -9.75
C PHE B 117 -20.31 10.60 -10.63
N ARG B 118 -20.43 11.79 -10.04
CA ARG B 118 -20.34 13.01 -10.84
C ARG B 118 -18.99 13.10 -11.55
N GLN B 119 -17.92 12.74 -10.85
CA GLN B 119 -16.60 12.77 -11.49
C GLN B 119 -16.48 11.69 -12.55
N ILE B 120 -17.01 10.49 -12.28
CA ILE B 120 -16.96 9.40 -13.24
C ILE B 120 -17.72 9.77 -14.51
N VAL B 121 -18.95 10.26 -14.37
CA VAL B 121 -19.75 10.64 -15.54
C VAL B 121 -19.08 11.75 -16.31
N SER B 122 -18.53 12.75 -15.62
CA SER B 122 -17.82 13.83 -16.33
C SER B 122 -16.66 13.27 -17.15
N ALA B 123 -15.87 12.38 -16.56
CA ALA B 123 -14.70 11.86 -17.26
C ALA B 123 -15.10 11.04 -18.48
N VAL B 124 -16.13 10.21 -18.35
CA VAL B 124 -16.50 9.34 -19.45
C VAL B 124 -17.22 10.14 -20.53
N GLN B 125 -18.08 11.09 -20.15
CA GLN B 125 -18.70 11.93 -21.17
C GLN B 125 -17.64 12.70 -21.94
N TYR B 126 -16.57 13.10 -21.25
CA TYR B 126 -15.47 13.81 -21.89
C TYR B 126 -14.73 12.91 -22.87
N CYS B 127 -14.48 11.66 -22.49
CA CYS B 127 -13.96 10.68 -23.45
C CYS B 127 -14.82 10.63 -24.71
N HIS B 128 -16.14 10.50 -24.52
CA HIS B 128 -17.01 10.41 -25.69
C HIS B 128 -16.99 11.67 -26.54
N GLN B 129 -16.83 12.85 -25.90
CA GLN B 129 -16.61 14.09 -26.66
C GLN B 129 -15.42 13.94 -27.60
N LYS B 130 -14.36 13.30 -27.11
CA LYS B 130 -13.12 13.08 -27.85
C LYS B 130 -13.17 11.85 -28.74
N ARG B 131 -14.36 11.24 -28.90
CA ARG B 131 -14.54 10.10 -29.81
CA ARG B 131 -14.58 10.09 -29.78
C ARG B 131 -13.75 8.88 -29.34
N ILE B 132 -13.64 8.72 -28.03
CA ILE B 132 -12.96 7.59 -27.41
CA ILE B 132 -12.97 7.57 -27.43
C ILE B 132 -13.97 6.86 -26.54
N VAL B 133 -14.05 5.54 -26.68
CA VAL B 133 -14.80 4.70 -25.75
C VAL B 133 -13.80 3.91 -24.91
N HIS B 134 -14.10 3.77 -23.61
CA HIS B 134 -13.15 3.11 -22.73
C HIS B 134 -13.19 1.60 -22.90
N ARG B 135 -14.41 1.04 -22.89
CA ARG B 135 -14.74 -0.35 -23.18
CA ARG B 135 -14.75 -0.36 -23.19
C ARG B 135 -14.41 -1.31 -22.05
N ASP B 136 -13.81 -0.85 -20.95
CA ASP B 136 -13.59 -1.75 -19.81
C ASP B 136 -13.81 -0.98 -18.51
N LEU B 137 -14.90 -0.22 -18.45
CA LEU B 137 -15.23 0.51 -17.23
C LEU B 137 -15.73 -0.49 -16.18
N LYS B 138 -15.05 -0.53 -15.05
CA LYS B 138 -15.44 -1.42 -13.96
C LYS B 138 -14.82 -0.85 -12.70
N ALA B 139 -15.30 -1.32 -11.54
CA ALA B 139 -14.81 -0.76 -10.28
C ALA B 139 -13.29 -0.87 -10.15
N GLU B 140 -12.71 -1.93 -10.71
CA GLU B 140 -11.26 -2.11 -10.57
C GLU B 140 -10.47 -1.06 -11.33
N ASN B 141 -11.07 -0.43 -12.35
CA ASN B 141 -10.38 0.59 -13.15
C ASN B 141 -10.70 2.00 -12.71
N LEU B 142 -11.37 2.17 -11.59
CA LEU B 142 -11.57 3.48 -10.98
C LEU B 142 -10.59 3.59 -9.82
N LEU B 143 -9.62 4.50 -9.94
CA LEU B 143 -8.67 4.71 -8.85
C LEU B 143 -9.10 5.91 -8.04
N LEU B 144 -8.51 6.03 -6.85
CA LEU B 144 -8.76 7.11 -5.90
C LEU B 144 -7.44 7.76 -5.52
N ASP B 145 -7.36 9.09 -5.62
CA ASP B 145 -6.14 9.77 -5.21
C ASP B 145 -6.19 10.05 -3.70
N ALA B 146 -5.21 10.78 -3.18
CA ALA B 146 -5.09 10.97 -1.73
C ALA B 146 -6.26 11.74 -1.14
N ASP B 147 -7.01 12.47 -1.96
CA ASP B 147 -8.20 13.17 -1.50
C ASP B 147 -9.48 12.47 -1.91
N MET B 148 -9.39 11.21 -2.34
CA MET B 148 -10.53 10.37 -2.72
C MET B 148 -11.22 10.86 -3.99
N ASN B 149 -10.51 11.59 -4.83
CA ASN B 149 -11.00 11.91 -6.17
C ASN B 149 -10.81 10.72 -7.10
N ILE B 150 -11.80 10.51 -7.98
CA ILE B 150 -11.74 9.45 -8.96
C ILE B 150 -10.66 9.73 -10.00
N LYS B 151 -9.91 8.68 -10.37
CA LYS B 151 -9.02 8.71 -11.52
C LYS B 151 -9.30 7.46 -12.36
N ILE B 152 -9.94 7.63 -13.52
CA ILE B 152 -10.19 6.47 -14.35
C ILE B 152 -8.89 6.00 -14.98
N ALA B 153 -8.68 4.69 -15.00
CA ALA B 153 -7.41 4.14 -15.47
C ALA B 153 -7.64 3.03 -16.50
N ASP B 154 -6.51 2.56 -17.04
CA ASP B 154 -6.39 1.46 -17.99
C ASP B 154 -7.20 1.65 -19.26
N PHE B 155 -6.65 2.42 -20.19
CA PHE B 155 -7.23 2.57 -21.51
C PHE B 155 -6.62 1.57 -22.51
N GLY B 156 -6.07 0.46 -22.01
CA GLY B 156 -5.48 -0.55 -22.88
C GLY B 156 -6.45 -1.23 -23.82
N PHE B 157 -7.74 -1.22 -23.51
CA PHE B 157 -8.75 -1.75 -24.41
C PHE B 157 -9.57 -0.67 -25.09
N SER B 158 -9.24 0.60 -24.88
CA SER B 158 -10.07 1.66 -25.43
CA SER B 158 -10.06 1.67 -25.43
C SER B 158 -9.85 1.80 -26.93
N ASN B 159 -10.76 2.52 -27.58
CA ASN B 159 -10.64 2.72 -29.01
C ASN B 159 -11.32 4.00 -29.41
N GLU B 160 -10.94 4.52 -30.58
CA GLU B 160 -11.73 5.55 -31.22
C GLU B 160 -13.02 4.95 -31.76
N PHE B 161 -14.08 5.75 -31.80
CA PHE B 161 -15.26 5.35 -32.52
C PHE B 161 -15.60 6.43 -33.53
N THR B 162 -16.22 6.02 -34.63
CA THR B 162 -16.35 6.90 -35.79
C THR B 162 -17.80 6.94 -36.24
N LYS B 163 -18.18 8.07 -36.83
CA LYS B 163 -19.47 8.19 -37.50
C LYS B 163 -19.54 7.18 -38.64
N GLY B 164 -20.64 6.43 -38.70
CA GLY B 164 -20.80 5.40 -39.70
C GLY B 164 -19.94 4.17 -39.50
N GLY B 165 -19.21 4.08 -38.39
CA GLY B 165 -18.44 2.92 -38.06
C GLY B 165 -19.09 2.13 -36.94
N LYS B 166 -18.76 0.84 -36.90
CA LYS B 166 -19.13 -0.03 -35.79
C LYS B 166 -17.85 -0.68 -35.27
N LEU B 167 -17.83 -0.98 -33.98
CA LEU B 167 -16.59 -1.35 -33.32
C LEU B 167 -16.24 -2.83 -33.55
N ASP B 168 -14.93 -3.10 -33.62
CA ASP B 168 -14.42 -4.42 -33.99
C ASP B 168 -14.89 -5.52 -33.04
N THR B 169 -15.49 -5.14 -31.91
CA THR B 169 -16.06 -6.02 -30.88
C THR B 169 -14.98 -6.63 -30.00
N PHE B 170 -15.32 -6.72 -28.71
CA PHE B 170 -14.45 -7.14 -27.63
C PHE B 170 -15.34 -7.19 -26.40
N CYS B 171 -15.03 -8.03 -25.43
CA CYS B 171 -15.80 -8.06 -24.18
C CYS B 171 -14.86 -7.76 -23.02
N GLY B 172 -15.17 -6.70 -22.29
CA GLY B 172 -14.45 -6.41 -21.06
C GLY B 172 -14.84 -7.38 -19.97
N SER B 173 -15.10 -6.88 -18.78
CA SER B 173 -15.53 -7.74 -17.69
C SER B 173 -17.00 -8.11 -17.92
N PRO B 174 -17.35 -9.40 -18.00
CA PRO B 174 -18.73 -9.79 -18.31
C PRO B 174 -19.77 -9.17 -17.39
N PRO B 175 -19.54 -9.07 -16.08
CA PRO B 175 -20.57 -8.46 -15.22
C PRO B 175 -20.94 -7.03 -15.61
N TYR B 176 -20.04 -6.30 -16.26
CA TYR B 176 -20.28 -4.92 -16.66
C TYR B 176 -20.69 -4.80 -18.12
N ALA B 177 -20.79 -5.92 -18.84
CA ALA B 177 -21.00 -5.89 -20.29
C ALA B 177 -22.48 -5.72 -20.64
N ALA B 178 -22.73 -4.84 -21.61
CA ALA B 178 -24.11 -4.59 -22.08
C ALA B 178 -24.67 -5.83 -22.74
N PRO B 179 -26.01 -5.96 -22.77
CA PRO B 179 -26.61 -7.17 -23.36
C PRO B 179 -26.25 -7.39 -24.82
N GLU B 180 -26.12 -6.30 -25.59
CA GLU B 180 -25.74 -6.46 -26.99
C GLU B 180 -24.37 -7.11 -27.13
N LEU B 181 -23.49 -6.92 -26.13
CA LEU B 181 -22.17 -7.55 -26.17
C LEU B 181 -22.27 -9.06 -26.01
N PHE B 182 -23.20 -9.52 -25.15
CA PHE B 182 -23.41 -10.96 -24.99
C PHE B 182 -23.99 -11.59 -26.24
N GLN B 183 -24.69 -10.81 -27.07
CA GLN B 183 -25.30 -11.33 -28.29
C GLN B 183 -24.41 -11.14 -29.51
N GLY B 184 -23.17 -10.71 -29.32
CA GLY B 184 -22.24 -10.59 -30.43
C GLY B 184 -22.67 -9.60 -31.49
N LYS B 185 -23.48 -8.61 -31.12
CA LYS B 185 -23.93 -7.63 -32.08
C LYS B 185 -22.86 -6.56 -32.28
N LYS B 186 -22.89 -5.93 -33.45
CA LYS B 186 -22.05 -4.76 -33.65
C LYS B 186 -22.64 -3.59 -32.87
N TYR B 187 -21.77 -2.66 -32.47
CA TYR B 187 -22.21 -1.55 -31.63
C TYR B 187 -21.36 -0.33 -31.98
N ASP B 188 -21.88 0.85 -31.64
CA ASP B 188 -21.17 2.08 -31.97
C ASP B 188 -20.05 2.35 -30.97
N GLY B 189 -20.29 2.09 -29.68
CA GLY B 189 -19.33 2.33 -28.64
C GLY B 189 -19.91 2.96 -27.38
N PRO B 190 -20.30 4.23 -27.46
CA PRO B 190 -20.63 4.97 -26.23
C PRO B 190 -21.75 4.35 -25.42
N GLU B 191 -22.75 3.79 -26.09
CA GLU B 191 -23.87 3.17 -25.37
C GLU B 191 -23.42 2.01 -24.50
N VAL B 192 -22.34 1.31 -24.87
N VAL B 192 -22.36 1.32 -24.91
CA VAL B 192 -21.95 0.21 -23.99
CA VAL B 192 -21.82 0.21 -24.12
C VAL B 192 -21.13 0.72 -22.81
C VAL B 192 -21.16 0.74 -22.86
N ASP B 193 -20.42 1.85 -22.97
CA ASP B 193 -19.87 2.54 -21.79
C ASP B 193 -20.99 2.98 -20.85
N VAL B 194 -22.10 3.49 -21.42
CA VAL B 194 -23.21 3.94 -20.58
C VAL B 194 -23.75 2.79 -19.73
N TRP B 195 -23.95 1.62 -20.35
CA TRP B 195 -24.43 0.47 -19.57
C TRP B 195 -23.48 0.15 -18.42
N SER B 196 -22.18 0.09 -18.71
CA SER B 196 -21.18 -0.19 -17.68
CA SER B 196 -21.22 -0.22 -17.65
C SER B 196 -21.27 0.81 -16.54
N LEU B 197 -21.54 2.08 -16.85
CA LEU B 197 -21.70 3.08 -15.81
C LEU B 197 -22.92 2.83 -14.94
N GLY B 198 -23.99 2.26 -15.53
CA GLY B 198 -25.12 1.84 -14.71
C GLY B 198 -24.73 0.76 -13.72
N VAL B 199 -23.95 -0.21 -14.17
CA VAL B 199 -23.44 -1.25 -13.26
C VAL B 199 -22.57 -0.62 -12.19
N ILE B 200 -21.71 0.33 -12.57
CA ILE B 200 -20.84 0.99 -11.60
C ILE B 200 -21.67 1.70 -10.52
N LEU B 201 -22.66 2.48 -10.95
CA LEU B 201 -23.51 3.19 -9.99
C LEU B 201 -24.14 2.22 -9.01
N TYR B 202 -24.65 1.09 -9.51
CA TYR B 202 -25.26 0.08 -8.64
C TYR B 202 -24.24 -0.45 -7.62
N THR B 203 -23.00 -0.69 -8.06
CA THR B 203 -22.02 -1.22 -7.11
C THR B 203 -21.62 -0.16 -6.09
N LEU B 204 -21.56 1.12 -6.47
CA LEU B 204 -21.21 2.16 -5.50
C LEU B 204 -22.25 2.23 -4.39
N VAL B 205 -23.53 2.17 -4.74
CA VAL B 205 -24.63 2.38 -3.79
CA VAL B 205 -24.57 2.38 -3.73
C VAL B 205 -24.97 1.10 -3.01
N SER B 206 -24.69 -0.08 -3.57
CA SER B 206 -25.04 -1.34 -2.92
C SER B 206 -23.86 -2.16 -2.45
N GLY B 207 -22.66 -1.90 -2.96
CA GLY B 207 -21.53 -2.74 -2.65
C GLY B 207 -21.55 -4.10 -3.34
N SER B 208 -22.47 -4.31 -4.29
CA SER B 208 -22.56 -5.60 -4.98
CA SER B 208 -22.58 -5.60 -4.98
C SER B 208 -22.91 -5.35 -6.45
N LEU B 209 -22.75 -6.41 -7.26
CA LEU B 209 -23.11 -6.29 -8.68
C LEU B 209 -24.61 -6.55 -8.89
N PRO B 210 -25.22 -5.87 -9.86
CA PRO B 210 -26.65 -6.08 -10.13
C PRO B 210 -26.96 -7.38 -10.85
N PHE B 211 -26.02 -7.87 -11.65
CA PHE B 211 -26.18 -9.10 -12.42
C PHE B 211 -25.03 -10.02 -12.06
N ASP B 212 -25.36 -11.23 -11.61
CA ASP B 212 -24.33 -12.20 -11.25
C ASP B 212 -24.79 -13.59 -11.64
N GLY B 213 -23.86 -14.53 -11.68
CA GLY B 213 -24.19 -15.91 -11.94
C GLY B 213 -23.10 -16.81 -11.43
N GLN B 214 -23.46 -18.09 -11.27
CA GLN B 214 -22.47 -19.10 -10.91
C GLN B 214 -21.52 -19.40 -12.06
N ASN B 215 -21.91 -19.04 -13.29
CA ASN B 215 -21.10 -19.24 -14.48
C ASN B 215 -21.54 -18.24 -15.53
N LEU B 216 -20.80 -18.21 -16.64
CA LEU B 216 -21.06 -17.21 -17.67
C LEU B 216 -22.47 -17.35 -18.25
N LYS B 217 -22.92 -18.60 -18.47
CA LYS B 217 -24.26 -18.81 -19.03
C LYS B 217 -25.34 -18.17 -18.15
N GLU B 218 -25.27 -18.42 -16.83
CA GLU B 218 -26.25 -17.84 -15.92
C GLU B 218 -26.14 -16.31 -15.88
N LEU B 219 -24.92 -15.78 -15.80
CA LEU B 219 -24.76 -14.32 -15.85
C LEU B 219 -25.36 -13.76 -17.12
N ARG B 220 -25.07 -14.37 -18.27
CA ARG B 220 -25.58 -13.88 -19.54
CA ARG B 220 -25.59 -13.89 -19.55
C ARG B 220 -27.11 -13.84 -19.52
N GLU B 221 -27.73 -14.92 -19.08
CA GLU B 221 -29.19 -14.95 -19.02
C GLU B 221 -29.75 -13.82 -18.17
N ARG B 222 -29.09 -13.48 -17.07
CA ARG B 222 -29.61 -12.43 -16.21
C ARG B 222 -29.41 -11.05 -16.81
N VAL B 223 -28.26 -10.82 -17.46
CA VAL B 223 -28.04 -9.54 -18.12
C VAL B 223 -29.10 -9.32 -19.20
N LEU B 224 -29.36 -10.35 -20.02
CA LEU B 224 -30.28 -10.21 -21.13
C LEU B 224 -31.71 -9.96 -20.66
N ARG B 225 -32.09 -10.50 -19.49
CA ARG B 225 -33.41 -10.20 -18.96
C ARG B 225 -33.46 -8.79 -18.37
N GLY B 226 -32.32 -8.26 -17.93
CA GLY B 226 -32.21 -6.88 -17.47
C GLY B 226 -32.84 -6.59 -16.13
N LYS B 227 -33.26 -7.60 -15.38
CA LYS B 227 -33.87 -7.37 -14.06
C LYS B 227 -32.78 -7.37 -12.98
N TYR B 228 -32.94 -6.47 -12.01
CA TYR B 228 -32.01 -6.40 -10.88
C TYR B 228 -32.79 -5.95 -9.65
N ARG B 229 -32.23 -6.26 -8.48
CA ARG B 229 -32.94 -6.00 -7.23
C ARG B 229 -32.65 -4.61 -6.69
N ILE B 230 -33.69 -3.94 -6.22
CA ILE B 230 -33.55 -2.63 -5.58
C ILE B 230 -33.54 -2.85 -4.05
N PRO B 231 -32.42 -2.64 -3.37
CA PRO B 231 -32.43 -2.74 -1.91
C PRO B 231 -33.33 -1.70 -1.29
N PHE B 232 -33.87 -2.04 -0.10
CA PHE B 232 -34.81 -1.16 0.57
C PHE B 232 -34.19 0.19 0.91
N TYR B 233 -32.87 0.23 1.12
CA TYR B 233 -32.23 1.47 1.53
C TYR B 233 -31.97 2.42 0.36
N MET B 234 -32.09 1.94 -0.88
CA MET B 234 -31.81 2.78 -2.03
C MET B 234 -32.94 3.77 -2.27
N SER B 235 -32.58 5.03 -2.52
CA SER B 235 -33.60 6.08 -2.70
C SER B 235 -34.35 5.88 -4.01
N THR B 236 -35.58 6.41 -4.07
CA THR B 236 -36.33 6.35 -5.32
CA THR B 236 -36.34 6.37 -5.32
C THR B 236 -35.58 7.10 -6.43
N ASP B 237 -34.96 8.23 -6.11
CA ASP B 237 -34.23 8.98 -7.13
C ASP B 237 -33.06 8.17 -7.67
N CYS B 238 -32.35 7.45 -6.80
CA CYS B 238 -31.26 6.62 -7.31
C CYS B 238 -31.79 5.50 -8.19
N GLU B 239 -32.90 4.86 -7.76
CA GLU B 239 -33.53 3.84 -8.59
C GLU B 239 -33.93 4.40 -9.94
N ASN B 240 -34.46 5.62 -9.97
CA ASN B 240 -34.90 6.20 -11.23
C ASN B 240 -33.71 6.51 -12.13
N LEU B 241 -32.58 6.93 -11.55
CA LEU B 241 -31.38 7.17 -12.34
C LEU B 241 -30.87 5.90 -12.97
N LEU B 242 -30.91 4.79 -12.22
CA LEU B 242 -30.43 3.52 -12.74
C LEU B 242 -31.22 3.10 -13.98
N LYS B 243 -32.51 3.42 -14.02
CA LYS B 243 -33.34 3.08 -15.17
C LYS B 243 -32.89 3.78 -16.45
N ARG B 244 -32.15 4.89 -16.33
CA ARG B 244 -31.67 5.57 -17.52
C ARG B 244 -30.41 4.94 -18.09
N PHE B 245 -29.66 4.18 -17.29
CA PHE B 245 -28.47 3.49 -17.74
C PHE B 245 -28.77 2.08 -18.21
N LEU B 246 -29.54 1.34 -17.42
CA LEU B 246 -29.69 -0.11 -17.60
C LEU B 246 -30.92 -0.38 -18.44
N VAL B 247 -30.91 0.19 -19.65
CA VAL B 247 -31.95 -0.01 -20.66
C VAL B 247 -31.45 -1.05 -21.65
N LEU B 248 -32.24 -2.11 -21.85
CA LEU B 248 -31.79 -3.17 -22.76
C LEU B 248 -31.54 -2.64 -24.16
N ASN B 249 -32.48 -1.86 -24.69
CA ASN B 249 -32.36 -1.32 -26.03
C ASN B 249 -31.33 -0.20 -26.04
N PRO B 250 -30.15 -0.37 -26.68
CA PRO B 250 -29.16 0.73 -26.68
C PRO B 250 -29.68 2.01 -27.32
N ILE B 251 -30.64 1.91 -28.24
CA ILE B 251 -31.24 3.09 -28.86
C ILE B 251 -31.93 3.99 -27.82
N LYS B 252 -32.51 3.39 -26.79
CA LYS B 252 -33.27 4.14 -25.81
C LYS B 252 -32.49 4.40 -24.53
N ARG B 253 -31.30 3.84 -24.40
CA ARG B 253 -30.44 4.12 -23.27
C ARG B 253 -30.14 5.62 -23.22
N GLY B 254 -30.12 6.19 -22.02
CA GLY B 254 -29.77 7.59 -21.89
C GLY B 254 -28.35 7.87 -22.39
N THR B 255 -28.17 9.08 -22.93
CA THR B 255 -26.83 9.58 -23.21
C THR B 255 -26.30 10.28 -21.96
N LEU B 256 -24.98 10.35 -21.85
CA LEU B 256 -24.41 10.92 -20.63
C LEU B 256 -24.75 12.40 -20.52
N GLU B 257 -24.76 13.11 -21.65
CA GLU B 257 -25.10 14.53 -21.60
C GLU B 257 -26.54 14.73 -21.10
N GLN B 258 -27.45 13.83 -21.47
CA GLN B 258 -28.81 13.89 -20.93
C GLN B 258 -28.83 13.51 -19.45
N ILE B 259 -28.09 12.46 -19.11
CA ILE B 259 -28.10 11.93 -17.74
C ILE B 259 -27.50 12.93 -16.75
N MET B 260 -26.65 13.83 -17.23
CA MET B 260 -26.08 14.89 -16.37
C MET B 260 -27.13 15.79 -15.75
N LYS B 261 -28.33 15.89 -16.35
CA LYS B 261 -29.39 16.73 -15.78
C LYS B 261 -30.25 16.01 -14.76
N ASP B 262 -29.97 14.75 -14.46
CA ASP B 262 -30.79 13.92 -13.59
C ASP B 262 -30.89 14.50 -12.17
N ARG B 263 -32.06 14.29 -11.54
CA ARG B 263 -32.26 14.86 -10.21
C ARG B 263 -31.28 14.30 -9.19
N TRP B 264 -31.06 12.98 -9.20
CA TRP B 264 -30.18 12.39 -8.19
C TRP B 264 -28.74 12.88 -8.36
N ILE B 265 -28.28 12.97 -9.61
CA ILE B 265 -26.93 13.40 -9.92
C ILE B 265 -26.64 14.77 -9.33
N ASN B 266 -27.67 15.61 -9.26
CA ASN B 266 -27.48 17.02 -8.89
C ASN B 266 -28.02 17.37 -7.51
N ALA B 267 -28.49 16.38 -6.76
CA ALA B 267 -28.99 16.64 -5.40
C ALA B 267 -27.87 17.24 -4.56
N GLY B 268 -28.13 18.42 -3.97
CA GLY B 268 -27.11 19.14 -3.25
C GLY B 268 -26.19 19.96 -4.13
N HIS B 269 -26.41 19.95 -5.44
CA HIS B 269 -25.66 20.74 -6.42
C HIS B 269 -26.61 21.57 -7.27
N GLU B 270 -27.70 22.06 -6.69
CA GLU B 270 -28.81 22.59 -7.50
C GLU B 270 -28.42 23.85 -8.27
N GLU B 271 -27.47 24.64 -7.76
CA GLU B 271 -26.94 25.77 -8.52
C GLU B 271 -25.63 25.43 -9.23
N ASP B 272 -25.27 24.15 -9.27
CA ASP B 272 -24.00 23.70 -9.83
C ASP B 272 -24.26 22.44 -10.64
N GLU B 273 -25.24 22.50 -11.54
CA GLU B 273 -25.63 21.32 -12.30
C GLU B 273 -24.43 20.75 -13.06
N LEU B 274 -24.32 19.42 -13.06
CA LEU B 274 -23.25 18.76 -13.81
C LEU B 274 -23.43 19.03 -15.31
N LYS B 275 -22.34 19.38 -15.97
CA LYS B 275 -22.38 19.70 -17.39
C LYS B 275 -21.11 19.18 -18.05
N PRO B 276 -21.10 19.04 -19.38
CA PRO B 276 -19.92 18.52 -20.06
C PRO B 276 -18.67 19.32 -19.70
N PHE B 277 -17.60 18.59 -19.47
CA PHE B 277 -16.31 19.19 -19.13
C PHE B 277 -15.83 20.05 -20.28
N VAL B 278 -15.31 21.23 -19.94
CA VAL B 278 -14.70 22.13 -20.90
C VAL B 278 -13.20 22.13 -20.63
N GLU B 279 -12.43 21.58 -21.55
CA GLU B 279 -11.00 21.48 -21.35
C GLU B 279 -10.38 22.87 -21.39
N PRO B 280 -9.69 23.31 -20.34
CA PRO B 280 -8.98 24.59 -20.43
C PRO B 280 -7.72 24.45 -21.26
N GLU B 281 -7.29 25.56 -21.86
CA GLU B 281 -6.02 25.55 -22.55
C GLU B 281 -4.89 25.38 -21.55
N LEU B 282 -3.87 24.61 -21.93
CA LEU B 282 -2.76 24.36 -21.02
C LEU B 282 -1.90 25.61 -20.88
N ASP B 283 -1.70 26.06 -19.65
CA ASP B 283 -0.81 27.17 -19.36
C ASP B 283 0.63 26.65 -19.47
N ILE B 284 1.33 27.03 -20.52
CA ILE B 284 2.72 26.66 -20.73
C ILE B 284 3.65 27.86 -20.50
N SER B 285 3.17 28.90 -19.82
CA SER B 285 3.90 30.16 -19.68
C SER B 285 4.18 30.50 -18.22
N ASP B 286 4.03 29.56 -17.31
CA ASP B 286 4.32 29.81 -15.91
C ASP B 286 5.82 30.05 -15.72
N GLN B 287 6.25 31.31 -15.76
CA GLN B 287 7.67 31.62 -15.67
C GLN B 287 8.24 31.21 -14.32
N LYS B 288 7.42 31.13 -13.27
CA LYS B 288 7.92 30.64 -11.99
C LYS B 288 8.43 29.21 -12.12
N ARG B 289 7.67 28.35 -12.81
CA ARG B 289 8.12 26.99 -13.05
C ARG B 289 9.28 26.95 -14.05
N ILE B 290 9.22 27.78 -15.09
CA ILE B 290 10.30 27.79 -16.06
C ILE B 290 11.60 28.21 -15.40
N ASP B 291 11.56 29.24 -14.55
CA ASP B 291 12.77 29.66 -13.82
C ASP B 291 13.33 28.51 -13.00
N ILE B 292 12.48 27.73 -12.36
CA ILE B 292 12.96 26.59 -11.60
C ILE B 292 13.67 25.61 -12.51
N MET B 293 13.09 25.36 -13.68
CA MET B 293 13.69 24.40 -14.61
C MET B 293 14.96 24.94 -15.25
N VAL B 294 15.06 26.26 -15.44
CA VAL B 294 16.32 26.85 -15.90
C VAL B 294 17.40 26.68 -14.83
N GLY B 295 17.02 26.83 -13.55
CA GLY B 295 17.96 26.53 -12.48
C GLY B 295 18.42 25.08 -12.48
N MET B 296 17.55 24.17 -12.94
CA MET B 296 17.93 22.77 -13.00
C MET B 296 18.95 22.50 -14.10
N GLY B 297 18.93 23.28 -15.18
CA GLY B 297 19.86 23.09 -16.27
C GLY B 297 19.27 23.19 -17.67
N TYR B 298 17.95 23.09 -17.81
CA TYR B 298 17.33 23.22 -19.11
C TYR B 298 17.36 24.68 -19.58
N SER B 299 17.51 24.87 -20.89
CA SER B 299 17.49 26.23 -21.40
C SER B 299 16.05 26.71 -21.58
N GLN B 300 15.88 28.02 -21.45
CA GLN B 300 14.57 28.64 -21.71
C GLN B 300 14.01 28.19 -23.06
N GLU B 301 14.85 28.17 -24.08
CA GLU B 301 14.39 27.84 -25.44
C GLU B 301 13.98 26.38 -25.55
N GLU B 302 14.77 25.47 -24.95
CA GLU B 302 14.42 24.05 -24.91
C GLU B 302 13.07 23.85 -24.23
N ILE B 303 12.84 24.55 -23.13
CA ILE B 303 11.60 24.37 -22.39
C ILE B 303 10.41 24.82 -23.23
N GLN B 304 10.53 25.97 -23.87
CA GLN B 304 9.42 26.47 -24.69
C GLN B 304 9.17 25.58 -25.90
N GLU B 305 10.23 24.99 -26.48
CA GLU B 305 10.04 24.08 -27.61
C GLU B 305 9.35 22.78 -27.18
N SER B 306 9.78 22.18 -26.08
CA SER B 306 9.13 20.96 -25.63
C SER B 306 7.67 21.20 -25.26
N LEU B 307 7.39 22.34 -24.61
CA LEU B 307 6.02 22.59 -24.14
C LEU B 307 5.09 22.93 -25.30
N SER B 308 5.57 23.74 -26.25
CA SER B 308 4.71 24.15 -27.36
C SER B 308 4.40 23.00 -28.30
N LYS B 309 5.32 22.06 -28.48
CA LYS B 309 5.08 20.87 -29.28
C LYS B 309 4.45 19.74 -28.47
N MET B 310 4.26 19.93 -27.16
CA MET B 310 3.73 18.92 -26.23
C MET B 310 4.37 17.56 -26.47
N LYS B 311 5.66 17.44 -26.16
CA LYS B 311 6.44 16.28 -26.56
C LYS B 311 6.29 15.07 -25.62
N TYR B 312 5.70 15.24 -24.45
CA TYR B 312 5.69 14.17 -23.43
C TYR B 312 7.11 13.63 -23.19
N ASP B 313 8.05 14.55 -23.06
CA ASP B 313 9.44 14.24 -22.84
C ASP B 313 9.82 14.66 -21.42
N GLU B 314 11.11 14.61 -21.12
CA GLU B 314 11.56 14.87 -19.75
C GLU B 314 11.27 16.30 -19.34
N ILE B 315 11.20 17.23 -20.29
CA ILE B 315 10.95 18.63 -19.96
C ILE B 315 9.48 18.87 -19.64
N THR B 316 8.56 18.41 -20.50
CA THR B 316 7.15 18.69 -20.21
C THR B 316 6.71 17.98 -18.94
N ALA B 317 7.23 16.77 -18.69
CA ALA B 317 6.91 16.06 -17.46
C ALA B 317 7.38 16.86 -16.24
N THR B 318 8.59 17.38 -16.28
CA THR B 318 9.08 18.20 -15.17
C THR B 318 8.20 19.41 -14.96
N TYR B 319 7.78 20.07 -16.04
CA TYR B 319 6.93 21.25 -15.94
C TYR B 319 5.59 20.91 -15.30
N LEU B 320 4.96 19.83 -15.75
CA LEU B 320 3.68 19.44 -15.18
C LEU B 320 3.82 19.02 -13.73
N LEU B 321 4.86 18.23 -13.42
CA LEU B 321 5.01 17.77 -12.04
C LEU B 321 5.27 18.92 -11.09
N LEU B 322 5.94 19.98 -11.57
CA LEU B 322 6.11 21.17 -10.74
C LEU B 322 4.79 21.86 -10.45
N GLY B 323 3.75 21.60 -11.25
CA GLY B 323 2.44 22.15 -11.01
C GLY B 323 1.58 21.33 -10.07
N ARG B 324 2.10 20.21 -9.57
CA ARG B 324 1.39 19.36 -8.65
C ARG B 324 1.98 19.48 -7.25
N LYS B 325 1.14 19.26 -6.23
CA LYS B 325 1.59 19.44 -4.87
C LYS B 325 2.51 18.28 -4.46
N SER B 326 3.39 18.56 -3.49
CA SER B 326 4.37 17.60 -3.04
C SER B 326 3.73 16.53 -2.15
N SER B 327 4.51 15.51 -1.84
CA SER B 327 4.07 14.45 -0.93
C SER B 327 5.17 14.11 0.08
#